data_6AF4
#
_entry.id   6AF4
#
_cell.length_a   74.903
_cell.length_b   73.403
_cell.length_c   98.321
_cell.angle_alpha   90.00
_cell.angle_beta   90.08
_cell.angle_gamma   90.00
#
_symmetry.space_group_name_H-M   'P 1 21 1'
#
loop_
_entity.id
_entity.type
_entity.pdbx_description
1 polymer 'HigB toxin'
2 polymer 'HigA antitoxin'
3 water water
#
loop_
_entity_poly.entity_id
_entity_poly.type
_entity_poly.pdbx_seq_one_letter_code
_entity_poly.pdbx_strand_id
1 'polypeptide(L)'
;MGSSHHHHHHSSGLVPRGSHMHNIYFYKDKNGNEPVFDYMRELTSKKGKDSRIKLNKINDYIELLSQHGTRAGEPYIKHL
DAEIWELRPLRDRILFVAWMDGSFVLLHHFMKRTQKTPKREIEQAKRELADLKERGLDNEK
;
A,C,E,G
2 'polypeptide(L)'
;MKNNAIGSNWKDVRAELFSKEEILESDMRVAIMSELIEARNEKGISQKKLEEMSGVSQPVIARMETGKTSPQLDTVLKVL
ASLGKTLAVVPLEHEQV
;
B,D,F,H
#
# COMPACT_ATOMS: atom_id res chain seq x y z
N MET A 21 3.64 13.46 -13.14
CA MET A 21 2.29 13.56 -12.57
C MET A 21 1.96 14.99 -12.13
N HIS A 22 0.78 15.45 -12.52
CA HIS A 22 0.33 16.81 -12.24
C HIS A 22 -0.77 16.83 -11.18
N ASN A 23 -0.66 17.74 -10.21
CA ASN A 23 -1.70 17.90 -9.21
C ASN A 23 -2.92 18.61 -9.80
N ILE A 24 -4.11 18.18 -9.42
CA ILE A 24 -5.33 18.82 -9.89
C ILE A 24 -6.09 19.42 -8.71
N TYR A 25 -6.33 20.73 -8.77
CA TYR A 25 -7.06 21.40 -7.69
C TYR A 25 -8.40 21.91 -8.17
N PHE A 26 -9.39 21.90 -7.29
CA PHE A 26 -10.71 22.41 -7.61
C PHE A 26 -10.82 23.85 -7.16
N TYR A 27 -11.38 24.70 -8.02
CA TYR A 27 -11.61 26.10 -7.69
C TYR A 27 -12.70 26.23 -6.64
N LYS A 28 -12.43 27.02 -5.61
CA LYS A 28 -13.44 27.32 -4.59
C LYS A 28 -13.78 28.81 -4.65
N ASP A 29 -15.06 29.12 -4.79
CA ASP A 29 -15.48 30.52 -4.84
C ASP A 29 -15.59 31.07 -3.41
N LYS A 30 -16.24 32.21 -3.27
CA LYS A 30 -16.18 33.01 -2.06
C LYS A 30 -17.12 32.48 -0.97
N ASN A 31 -18.06 31.62 -1.36
CA ASN A 31 -19.12 31.18 -0.45
C ASN A 31 -18.79 30.13 0.64
N GLY A 32 -17.65 29.42 0.57
CA GLY A 32 -17.01 28.96 -0.64
C GLY A 32 -17.62 27.68 -1.16
N ASN A 33 -17.90 27.63 -2.45
CA ASN A 33 -18.33 26.38 -3.07
C ASN A 33 -17.33 25.98 -4.14
N GLU A 34 -17.16 24.67 -4.35
CA GLU A 34 -16.37 24.20 -5.47
C GLU A 34 -17.31 23.68 -6.54
N PRO A 35 -17.50 24.46 -7.62
CA PRO A 35 -18.52 24.21 -8.64
C PRO A 35 -18.37 22.86 -9.34
N VAL A 36 -17.14 22.52 -9.77
CA VAL A 36 -16.92 21.28 -10.49
C VAL A 36 -17.19 20.07 -9.58
N PHE A 37 -16.77 20.15 -8.33
CA PHE A 37 -17.02 19.09 -7.36
C PHE A 37 -18.52 19.00 -7.04
N ASP A 38 -19.15 20.15 -6.83
CA ASP A 38 -20.59 20.20 -6.55
C ASP A 38 -21.38 19.50 -7.65
N TYR A 39 -20.95 19.69 -8.89
CA TYR A 39 -21.62 19.06 -10.02
C TYR A 39 -21.45 17.54 -10.00
N MET A 40 -20.24 17.09 -9.70
CA MET A 40 -19.94 15.67 -9.67
C MET A 40 -20.67 14.97 -8.54
N ARG A 41 -20.82 15.66 -7.42
CA ARG A 41 -21.55 15.11 -6.28
C ARG A 41 -23.04 15.03 -6.60
N GLU A 42 -23.50 15.94 -7.45
CA GLU A 42 -24.89 15.92 -7.90
C GLU A 42 -25.16 14.70 -8.76
N LEU A 43 -24.25 14.42 -9.70
CA LEU A 43 -24.36 13.24 -10.56
C LEU A 43 -24.34 11.95 -9.74
N THR A 44 -23.63 11.98 -8.62
CA THR A 44 -23.52 10.83 -7.74
C THR A 44 -24.83 10.59 -6.98
N SER A 45 -25.61 11.64 -6.82
CA SER A 45 -26.86 11.55 -6.06
C SER A 45 -28.02 11.12 -6.97
N LYS A 46 -27.73 10.90 -8.25
CA LYS A 46 -28.77 10.59 -9.22
C LYS A 46 -28.84 9.13 -9.63
N LYS A 47 -30.06 8.62 -9.75
CA LYS A 47 -30.28 7.33 -10.36
C LYS A 47 -30.37 7.51 -11.88
N GLY A 48 -30.52 6.41 -12.60
CA GLY A 48 -30.48 6.47 -14.05
C GLY A 48 -29.05 6.25 -14.52
N LYS A 49 -28.91 5.67 -15.71
CA LYS A 49 -27.61 5.23 -16.19
C LYS A 49 -26.76 6.37 -16.75
N ASP A 50 -27.44 7.39 -17.28
CA ASP A 50 -26.74 8.51 -17.92
C ASP A 50 -25.76 9.22 -16.99
N SER A 51 -26.17 9.41 -15.74
CA SER A 51 -25.35 10.13 -14.77
C SER A 51 -24.13 9.31 -14.38
N ARG A 52 -24.32 7.99 -14.28
CA ARG A 52 -23.22 7.09 -13.97
C ARG A 52 -22.21 7.09 -15.11
N ILE A 53 -22.71 7.10 -16.34
CA ILE A 53 -21.86 7.13 -17.52
C ILE A 53 -21.06 8.44 -17.58
N LYS A 54 -21.75 9.57 -17.40
CA LYS A 54 -21.08 10.87 -17.40
C LYS A 54 -20.04 10.95 -16.28
N LEU A 55 -20.33 10.33 -15.14
CA LEU A 55 -19.41 10.36 -14.01
C LEU A 55 -18.13 9.61 -14.30
N ASN A 56 -18.26 8.44 -14.93
CA ASN A 56 -17.10 7.62 -15.27
C ASN A 56 -16.19 8.31 -16.26
N LYS A 57 -16.78 8.96 -17.26
CA LYS A 57 -16.03 9.65 -18.29
C LYS A 57 -15.27 10.83 -17.70
N ILE A 58 -15.95 11.60 -16.84
CA ILE A 58 -15.34 12.71 -16.13
C ILE A 58 -14.16 12.23 -15.28
N ASN A 59 -14.36 11.08 -14.63
CA ASN A 59 -13.32 10.45 -13.83
C ASN A 59 -12.08 10.14 -14.66
N ASP A 60 -12.30 9.65 -15.88
CA ASP A 60 -11.20 9.26 -16.76
C ASP A 60 -10.41 10.46 -17.28
N TYR A 61 -11.11 11.52 -17.68
CA TYR A 61 -10.48 12.67 -18.30
C TYR A 61 -9.68 13.52 -17.32
N ILE A 62 -10.17 13.65 -16.09
CA ILE A 62 -9.45 14.39 -15.05
C ILE A 62 -8.17 13.65 -14.67
N GLU A 63 -8.29 12.35 -14.45
CA GLU A 63 -7.14 11.50 -14.16
C GLU A 63 -6.14 11.52 -15.29
N LEU A 64 -6.64 11.60 -16.52
CA LEU A 64 -5.80 11.67 -17.71
C LEU A 64 -5.02 12.99 -17.72
N LEU A 65 -5.69 14.06 -17.31
CA LEU A 65 -5.06 15.37 -17.23
C LEU A 65 -3.97 15.36 -16.16
N SER A 66 -4.19 14.56 -15.11
CA SER A 66 -3.24 14.45 -14.02
C SER A 66 -1.95 13.77 -14.46
N GLN A 67 -2.10 12.76 -15.32
CA GLN A 67 -0.93 12.05 -15.82
C GLN A 67 -0.21 12.77 -16.97
N HIS A 68 -0.95 13.19 -17.98
CA HIS A 68 -0.33 13.77 -19.18
C HIS A 68 -0.34 15.30 -19.31
N GLY A 69 -1.02 16.01 -18.41
CA GLY A 69 -1.23 17.43 -18.60
C GLY A 69 -1.84 17.75 -19.96
N THR A 70 -1.49 18.90 -20.52
CA THR A 70 -2.03 19.33 -21.81
C THR A 70 -1.48 18.51 -22.97
N ARG A 71 -0.50 17.65 -22.68
CA ARG A 71 0.08 16.77 -23.69
C ARG A 71 -0.90 15.68 -24.11
N ALA A 72 -2.03 15.57 -23.41
CA ALA A 72 -3.06 14.58 -23.74
C ALA A 72 -3.66 14.86 -25.12
N GLY A 73 -3.73 16.14 -25.48
CA GLY A 73 -4.24 16.56 -26.77
C GLY A 73 -5.71 16.26 -26.98
N GLU A 74 -6.20 16.45 -28.20
CA GLU A 74 -7.56 16.11 -28.54
C GLU A 74 -7.72 14.59 -28.57
N PRO A 75 -8.97 14.09 -28.43
CA PRO A 75 -10.26 14.74 -28.17
C PRO A 75 -10.42 15.24 -26.74
N TYR A 76 -9.58 14.75 -25.84
CA TYR A 76 -9.70 15.01 -24.40
C TYR A 76 -9.66 16.49 -24.04
N ILE A 77 -8.81 17.24 -24.74
CA ILE A 77 -8.48 18.59 -24.34
C ILE A 77 -8.40 19.55 -25.53
N LYS A 78 -8.98 20.73 -25.38
CA LYS A 78 -8.83 21.77 -26.38
C LYS A 78 -8.58 23.12 -25.71
N HIS A 79 -7.69 23.92 -26.30
CA HIS A 79 -7.47 25.28 -25.83
C HIS A 79 -8.61 26.15 -26.33
N LEU A 80 -9.02 27.11 -25.50
CA LEU A 80 -10.11 28.01 -25.88
C LEU A 80 -9.59 29.41 -26.18
N ASP A 81 -9.26 30.15 -25.13
CA ASP A 81 -8.66 31.47 -25.29
C ASP A 81 -7.73 31.79 -24.13
N ALA A 82 -6.59 32.41 -24.43
CA ALA A 82 -5.60 32.79 -23.44
C ALA A 82 -5.23 31.63 -22.51
N GLU A 83 -5.37 31.84 -21.21
CA GLU A 83 -5.00 30.82 -20.22
C GLU A 83 -6.06 29.72 -20.09
N ILE A 84 -7.20 29.91 -20.75
CA ILE A 84 -8.33 29.02 -20.56
C ILE A 84 -8.31 27.80 -21.47
N TRP A 85 -8.39 26.61 -20.85
CA TRP A 85 -8.48 25.35 -21.57
C TRP A 85 -9.79 24.65 -21.19
N GLU A 86 -10.23 23.69 -22.01
CA GLU A 86 -11.42 22.93 -21.69
C GLU A 86 -11.21 21.42 -21.74
N LEU A 87 -11.75 20.74 -20.75
CA LEU A 87 -11.77 19.28 -20.69
C LEU A 87 -13.11 18.83 -21.27
N ARG A 88 -13.10 17.81 -22.14
CA ARG A 88 -14.31 17.49 -22.89
C ARG A 88 -14.80 16.05 -22.78
N PRO A 89 -15.12 15.58 -21.56
CA PRO A 89 -15.77 14.27 -21.52
C PRO A 89 -17.21 14.33 -22.04
N LEU A 90 -17.54 13.48 -23.01
CA LEU A 90 -18.88 13.45 -23.60
C LEU A 90 -19.40 14.85 -23.92
N ARG A 91 -20.56 15.20 -23.38
CA ARG A 91 -21.13 16.53 -23.60
C ARG A 91 -20.77 17.51 -22.48
N ASP A 92 -20.03 17.02 -21.49
CA ASP A 92 -19.62 17.86 -20.36
C ASP A 92 -18.36 18.65 -20.66
N ARG A 93 -18.32 19.89 -20.20
CA ARG A 93 -17.13 20.72 -20.39
C ARG A 93 -16.65 21.32 -19.09
N ILE A 94 -15.39 21.05 -18.77
CA ILE A 94 -14.77 21.59 -17.57
C ILE A 94 -13.65 22.52 -17.97
N LEU A 95 -13.77 23.79 -17.59
CA LEU A 95 -12.74 24.76 -17.92
C LEU A 95 -11.65 24.74 -16.87
N PHE A 96 -10.40 24.74 -17.31
CA PHE A 96 -9.28 24.71 -16.38
C PHE A 96 -8.11 25.56 -16.88
N VAL A 97 -7.17 25.83 -15.98
CA VAL A 97 -6.00 26.62 -16.29
C VAL A 97 -4.74 25.96 -15.77
N ALA A 98 -3.60 26.29 -16.37
CA ALA A 98 -2.33 25.88 -15.80
C ALA A 98 -2.09 26.69 -14.54
N TRP A 99 -1.56 26.03 -13.51
CA TRP A 99 -1.34 26.68 -12.23
C TRP A 99 0.13 26.49 -11.86
N MET A 100 0.54 26.96 -10.68
CA MET A 100 1.93 26.78 -10.26
C MET A 100 2.21 25.29 -10.32
N ASP A 101 3.19 24.93 -11.13
CA ASP A 101 3.33 23.54 -11.54
C ASP A 101 3.89 22.77 -10.36
N GLY A 102 3.55 21.49 -10.25
CA GLY A 102 2.97 20.73 -11.33
C GLY A 102 1.47 20.76 -11.63
N SER A 103 0.75 21.76 -11.13
CA SER A 103 -0.72 21.65 -11.12
C SER A 103 -1.57 22.28 -12.24
N PHE A 104 -2.87 22.00 -12.13
CA PHE A 104 -3.94 22.57 -12.94
C PHE A 104 -5.09 22.90 -11.97
N VAL A 105 -5.92 23.88 -12.32
CA VAL A 105 -7.06 24.22 -11.50
C VAL A 105 -8.35 24.11 -12.30
N LEU A 106 -9.28 23.28 -11.83
CA LEU A 106 -10.56 23.14 -12.52
C LEU A 106 -11.48 24.26 -12.08
N LEU A 107 -11.89 25.10 -13.04
CA LEU A 107 -12.61 26.33 -12.73
C LEU A 107 -14.11 26.09 -12.52
N HIS A 108 -14.82 25.81 -13.60
CA HIS A 108 -16.24 25.48 -13.48
C HIS A 108 -16.70 24.61 -14.65
N HIS A 109 -17.97 24.24 -14.63
CA HIS A 109 -18.50 23.26 -15.59
C HIS A 109 -19.77 23.75 -16.28
N PHE A 110 -19.96 23.34 -17.53
CA PHE A 110 -21.21 23.58 -18.25
C PHE A 110 -21.46 22.47 -19.27
N MET A 111 -22.72 22.33 -19.66
CA MET A 111 -23.13 21.38 -20.70
C MET A 111 -23.03 22.07 -22.06
N LYS A 112 -22.62 21.34 -23.10
CA LYS A 112 -22.49 21.98 -24.41
C LYS A 112 -23.84 22.25 -25.02
N ARG A 113 -24.15 23.53 -25.23
CA ARG A 113 -25.39 23.90 -25.89
C ARG A 113 -25.24 24.27 -27.37
N THR A 114 -24.00 24.38 -27.86
CA THR A 114 -23.76 25.00 -29.17
C THR A 114 -22.72 24.25 -30.03
N GLN A 115 -22.63 24.67 -31.29
CA GLN A 115 -21.56 24.29 -32.21
C GLN A 115 -20.19 24.33 -31.55
N LYS A 116 -19.92 25.42 -30.86
CA LYS A 116 -18.66 25.60 -30.16
C LYS A 116 -18.90 26.23 -28.79
N THR A 117 -17.87 26.23 -27.95
CA THR A 117 -17.98 26.87 -26.63
C THR A 117 -18.25 28.36 -26.77
N PRO A 118 -19.30 28.85 -26.10
CA PRO A 118 -19.71 30.26 -26.16
C PRO A 118 -18.81 31.20 -25.37
N LYS A 119 -18.87 32.48 -25.70
CA LYS A 119 -18.06 33.52 -25.06
C LYS A 119 -18.33 33.63 -23.57
N ARG A 120 -19.60 33.47 -23.18
CA ARG A 120 -20.05 33.63 -21.81
C ARG A 120 -19.25 32.79 -20.82
N GLU A 121 -19.07 31.51 -21.15
CA GLU A 121 -18.37 30.58 -20.26
C GLU A 121 -16.89 30.94 -20.14
N ILE A 122 -16.28 31.31 -21.26
CA ILE A 122 -14.87 31.69 -21.29
C ILE A 122 -14.60 32.89 -20.38
N GLU A 123 -15.49 33.88 -20.40
CA GLU A 123 -15.29 35.08 -19.60
C GLU A 123 -15.53 34.82 -18.11
N GLN A 124 -16.43 33.89 -17.79
CA GLN A 124 -16.61 33.49 -16.41
C GLN A 124 -15.35 32.80 -15.90
N ALA A 125 -14.73 32.02 -16.78
CA ALA A 125 -13.48 31.33 -16.47
C ALA A 125 -12.37 32.34 -16.17
N LYS A 126 -12.29 33.39 -16.97
CA LYS A 126 -11.25 34.40 -16.80
C LYS A 126 -11.43 35.18 -15.49
N ARG A 127 -12.69 35.45 -15.14
CA ARG A 127 -12.98 36.13 -13.88
C ARG A 127 -12.56 35.24 -12.70
N GLU A 128 -12.88 33.96 -12.79
CA GLU A 128 -12.52 32.99 -11.76
C GLU A 128 -11.00 32.88 -11.62
N LEU A 129 -10.30 32.95 -12.76
CA LEU A 129 -8.85 32.94 -12.76
C LEU A 129 -8.30 34.19 -12.09
N ALA A 130 -8.84 35.35 -12.48
CA ALA A 130 -8.44 36.62 -11.88
C ALA A 130 -8.68 36.61 -10.38
N ASP A 131 -9.83 36.08 -9.99
CA ASP A 131 -10.17 35.89 -8.58
C ASP A 131 -9.12 35.06 -7.84
N LEU A 132 -8.67 34.00 -8.49
CA LEU A 132 -7.67 33.09 -7.91
C LEU A 132 -6.36 33.80 -7.62
N LYS A 133 -5.92 34.63 -8.57
CA LYS A 133 -4.66 35.34 -8.44
C LYS A 133 -4.71 36.39 -7.33
N GLU A 134 -5.86 37.06 -7.22
CA GLU A 134 -6.05 38.09 -6.19
C GLU A 134 -6.09 37.50 -4.79
N ARG A 135 -6.93 36.48 -4.61
CA ARG A 135 -7.06 35.82 -3.32
C ARG A 135 -5.79 35.04 -2.98
N GLY A 136 -4.98 34.76 -3.99
CA GLY A 136 -3.71 34.10 -3.80
C GLY A 136 -2.65 35.04 -3.28
N LEU A 137 -2.83 36.33 -3.54
CA LEU A 137 -1.88 37.34 -3.10
C LEU A 137 -2.01 37.62 -1.61
N ASP A 138 -3.24 37.74 -1.12
CA ASP A 138 -3.52 38.17 0.25
C ASP A 138 -2.85 37.29 1.33
N ASN A 139 -2.46 36.08 0.94
CA ASN A 139 -1.67 35.18 1.80
C ASN A 139 -2.21 35.00 3.21
N ASN B 3 -4.08 30.01 -0.05
CA ASN B 3 -5.08 30.51 -0.99
C ASN B 3 -6.43 29.82 -0.80
N ASN B 4 -7.43 30.59 -0.40
CA ASN B 4 -8.78 30.06 -0.17
C ASN B 4 -9.47 29.67 -1.48
N ALA B 5 -8.96 30.19 -2.58
CA ALA B 5 -9.55 29.92 -3.89
C ALA B 5 -9.04 28.60 -4.47
N ILE B 6 -7.95 28.08 -3.91
CA ILE B 6 -7.41 26.80 -4.34
C ILE B 6 -7.88 25.71 -3.39
N GLY B 7 -8.78 24.87 -3.86
CA GLY B 7 -9.48 23.92 -3.01
C GLY B 7 -8.96 22.49 -3.07
N SER B 8 -9.90 21.57 -2.93
CA SER B 8 -9.63 20.14 -2.80
C SER B 8 -8.75 19.58 -3.90
N ASN B 9 -7.84 18.69 -3.51
CA ASN B 9 -7.02 17.95 -4.47
C ASN B 9 -7.82 16.81 -5.07
N TRP B 10 -7.64 16.59 -6.37
CA TRP B 10 -8.37 15.56 -7.11
C TRP B 10 -8.23 14.17 -6.50
N LYS B 11 -7.08 13.89 -5.91
CA LYS B 11 -6.82 12.59 -5.29
C LYS B 11 -7.77 12.33 -4.12
N ASP B 12 -8.09 13.38 -3.37
CA ASP B 12 -9.01 13.26 -2.25
C ASP B 12 -10.45 13.24 -2.73
N VAL B 13 -10.74 14.03 -3.76
CA VAL B 13 -12.07 14.09 -4.34
C VAL B 13 -12.44 12.75 -4.98
N ARG B 14 -11.49 12.16 -5.71
CA ARG B 14 -11.72 10.90 -6.39
C ARG B 14 -12.02 9.78 -5.39
N ALA B 15 -11.28 9.78 -4.28
CA ALA B 15 -11.45 8.77 -3.24
C ALA B 15 -12.83 8.85 -2.57
N GLU B 16 -13.38 10.05 -2.52
CA GLU B 16 -14.70 10.26 -1.93
C GLU B 16 -15.84 9.83 -2.85
N LEU B 17 -15.75 10.23 -4.11
CA LEU B 17 -16.85 10.04 -5.06
C LEU B 17 -16.93 8.65 -5.67
N PHE B 18 -15.84 7.90 -5.62
CA PHE B 18 -15.79 6.61 -6.31
C PHE B 18 -15.32 5.48 -5.40
N SER B 19 -15.88 4.29 -5.61
CA SER B 19 -15.44 3.13 -4.86
C SER B 19 -14.08 2.67 -5.36
N LYS B 20 -13.50 1.66 -4.72
CA LYS B 20 -12.18 1.20 -5.12
C LYS B 20 -12.26 0.44 -6.45
N GLU B 21 -13.42 -0.17 -6.69
CA GLU B 21 -13.65 -0.89 -7.93
C GLU B 21 -13.84 0.07 -9.10
N GLU B 22 -14.56 1.17 -8.86
CA GLU B 22 -14.78 2.17 -9.90
C GLU B 22 -13.46 2.87 -10.26
N ILE B 23 -12.59 3.00 -9.28
CA ILE B 23 -11.28 3.60 -9.48
C ILE B 23 -10.38 2.65 -10.27
N LEU B 24 -10.51 1.36 -9.97
CA LEU B 24 -9.76 0.32 -10.68
C LEU B 24 -10.13 0.29 -12.16
N GLU B 25 -11.43 0.31 -12.45
CA GLU B 25 -11.91 0.30 -13.83
C GLU B 25 -11.49 1.56 -14.58
N SER B 26 -11.47 2.69 -13.87
CA SER B 26 -11.13 3.97 -14.48
C SER B 26 -9.66 3.99 -14.89
N ASP B 27 -8.78 3.56 -13.99
CA ASP B 27 -7.35 3.52 -14.27
C ASP B 27 -7.04 2.66 -15.48
N MET B 28 -7.74 1.54 -15.62
CA MET B 28 -7.56 0.64 -16.76
C MET B 28 -7.97 1.32 -18.06
N ARG B 29 -9.09 2.03 -18.04
CA ARG B 29 -9.53 2.76 -19.23
C ARG B 29 -8.54 3.88 -19.55
N VAL B 30 -7.94 4.44 -18.50
CA VAL B 30 -6.95 5.52 -18.66
C VAL B 30 -5.64 4.97 -19.21
N ALA B 31 -5.26 3.78 -18.76
CA ALA B 31 -4.04 3.13 -19.24
C ALA B 31 -4.09 2.89 -20.74
N ILE B 32 -5.24 2.42 -21.22
CA ILE B 32 -5.44 2.21 -22.65
C ILE B 32 -5.39 3.54 -23.40
N MET B 33 -6.06 4.54 -22.86
CA MET B 33 -6.02 5.89 -23.43
C MET B 33 -4.58 6.42 -23.45
N SER B 34 -3.83 6.12 -22.40
CA SER B 34 -2.45 6.57 -22.28
C SER B 34 -1.56 5.99 -23.37
N GLU B 35 -1.89 4.77 -23.81
CA GLU B 35 -1.12 4.11 -24.86
C GLU B 35 -1.42 4.71 -26.23
N LEU B 36 -2.68 5.07 -26.46
CA LEU B 36 -3.07 5.73 -27.69
C LEU B 36 -2.44 7.12 -27.78
N ILE B 37 -2.32 7.77 -26.63
CA ILE B 37 -1.79 9.13 -26.57
C ILE B 37 -0.31 9.21 -26.88
N GLU B 38 0.47 8.42 -26.15
CA GLU B 38 1.92 8.48 -26.24
C GLU B 38 2.45 7.69 -27.43
N ALA B 39 1.54 7.03 -28.14
CA ALA B 39 1.86 6.49 -29.46
C ALA B 39 1.81 7.60 -30.49
N ARG B 40 0.89 8.54 -30.29
CA ARG B 40 0.77 9.70 -31.16
C ARG B 40 1.85 10.74 -30.82
N ASN B 41 2.07 10.94 -29.52
CA ASN B 41 3.07 11.89 -29.03
C ASN B 41 4.52 11.48 -29.35
N GLU B 42 4.87 10.22 -29.12
CA GLU B 42 6.26 9.74 -29.31
C GLU B 42 6.53 9.00 -30.61
N LYS B 43 5.87 7.86 -30.77
CA LYS B 43 6.09 6.94 -31.88
C LYS B 43 5.53 7.48 -33.20
N GLY B 44 4.84 8.62 -33.12
CA GLY B 44 4.37 9.33 -34.29
C GLY B 44 3.36 8.56 -35.11
N ILE B 45 2.55 7.75 -34.45
CA ILE B 45 1.56 6.93 -35.12
C ILE B 45 0.19 7.60 -35.12
N SER B 46 -0.37 7.80 -36.32
CA SER B 46 -1.70 8.39 -36.42
C SER B 46 -2.76 7.37 -36.04
N GLN B 47 -4.03 7.78 -36.05
CA GLN B 47 -5.09 6.86 -35.70
C GLN B 47 -5.45 5.94 -36.87
N LYS B 48 -5.28 6.43 -38.09
CA LYS B 48 -5.53 5.59 -39.26
C LYS B 48 -4.34 4.68 -39.54
N LYS B 49 -3.14 5.14 -39.17
CA LYS B 49 -1.95 4.29 -39.23
C LYS B 49 -2.15 3.10 -38.30
N LEU B 50 -2.75 3.38 -37.16
CA LEU B 50 -3.07 2.35 -36.17
C LEU B 50 -4.13 1.38 -36.70
N GLU B 51 -5.04 1.91 -37.52
CA GLU B 51 -6.09 1.10 -38.12
C GLU B 51 -5.51 -0.01 -39.00
N GLU B 52 -4.43 0.30 -39.70
CA GLU B 52 -3.84 -0.67 -40.61
C GLU B 52 -2.98 -1.71 -39.89
N MET B 53 -2.24 -1.27 -38.88
CA MET B 53 -1.44 -2.19 -38.08
C MET B 53 -2.30 -3.15 -37.28
N SER B 54 -3.32 -2.62 -36.61
CA SER B 54 -4.15 -3.40 -35.71
C SER B 54 -5.32 -4.11 -36.39
N GLY B 55 -5.68 -3.65 -37.59
CA GLY B 55 -6.79 -4.23 -38.31
C GLY B 55 -8.16 -3.96 -37.71
N VAL B 56 -8.25 -2.95 -36.84
CA VAL B 56 -9.54 -2.54 -36.30
C VAL B 56 -9.93 -1.18 -36.86
N SER B 57 -11.22 -0.97 -37.09
CA SER B 57 -11.69 0.24 -37.76
C SER B 57 -11.46 1.48 -36.92
N GLN B 58 -11.19 2.59 -37.60
CA GLN B 58 -10.93 3.87 -36.96
C GLN B 58 -12.06 4.37 -36.03
N PRO B 59 -13.34 4.16 -36.42
CA PRO B 59 -14.39 4.56 -35.46
C PRO B 59 -14.35 3.78 -34.15
N VAL B 60 -14.03 2.49 -34.21
CA VAL B 60 -13.96 1.67 -33.02
C VAL B 60 -12.77 2.07 -32.15
N ILE B 61 -11.67 2.47 -32.79
CA ILE B 61 -10.50 3.00 -32.08
C ILE B 61 -10.86 4.29 -31.35
N ALA B 62 -11.55 5.18 -32.05
CA ALA B 62 -11.92 6.48 -31.49
C ALA B 62 -12.89 6.34 -30.32
N ARG B 63 -13.73 5.31 -30.35
CA ARG B 63 -14.69 5.10 -29.29
C ARG B 63 -14.04 4.50 -28.05
N MET B 64 -12.81 4.01 -28.17
CA MET B 64 -12.04 3.67 -26.99
C MET B 64 -11.83 4.93 -26.16
N GLU B 65 -11.47 6.01 -26.85
CA GLU B 65 -11.25 7.30 -26.21
C GLU B 65 -12.54 8.03 -25.82
N THR B 66 -13.43 8.23 -26.79
CA THR B 66 -14.61 9.07 -26.59
C THR B 66 -15.89 8.31 -26.28
N GLY B 67 -15.84 6.98 -26.34
CA GLY B 67 -17.05 6.18 -26.31
C GLY B 67 -17.82 6.22 -25.01
N LYS B 68 -19.15 6.12 -25.12
CA LYS B 68 -19.99 6.01 -23.95
C LYS B 68 -19.68 4.73 -23.18
N THR B 69 -19.36 3.64 -23.88
CA THR B 69 -19.37 2.37 -23.17
C THR B 69 -18.11 1.50 -23.04
N SER B 70 -17.71 0.74 -24.06
CA SER B 70 -17.13 -0.60 -23.80
C SER B 70 -15.68 -0.66 -23.34
N PRO B 71 -14.67 -0.41 -24.16
CA PRO B 71 -14.44 -1.02 -25.49
C PRO B 71 -14.35 -2.55 -25.30
N GLN B 72 -14.61 -3.34 -26.34
CA GLN B 72 -14.56 -4.80 -26.21
C GLN B 72 -13.14 -5.31 -25.96
N LEU B 73 -13.04 -6.49 -25.36
CA LEU B 73 -11.75 -7.01 -24.92
C LEU B 73 -10.82 -7.39 -26.08
N ASP B 74 -11.35 -8.09 -27.07
CA ASP B 74 -10.56 -8.50 -28.23
C ASP B 74 -10.05 -7.29 -28.99
N THR B 75 -10.89 -6.25 -29.06
CA THR B 75 -10.53 -5.01 -29.75
C THR B 75 -9.36 -4.32 -29.06
N VAL B 76 -9.39 -4.30 -27.73
CA VAL B 76 -8.31 -3.71 -26.96
C VAL B 76 -7.02 -4.50 -27.16
N LEU B 77 -7.13 -5.82 -27.24
CA LEU B 77 -5.95 -6.67 -27.40
C LEU B 77 -5.27 -6.48 -28.76
N LYS B 78 -6.07 -6.28 -29.81
CA LYS B 78 -5.51 -6.02 -31.13
C LYS B 78 -4.75 -4.72 -31.17
N VAL B 79 -5.37 -3.66 -30.65
CA VAL B 79 -4.75 -2.33 -30.65
C VAL B 79 -3.49 -2.29 -29.79
N LEU B 80 -3.56 -2.87 -28.60
CA LEU B 80 -2.41 -2.90 -27.70
C LEU B 80 -1.25 -3.69 -28.30
N ALA B 81 -1.56 -4.81 -28.95
CA ALA B 81 -0.54 -5.67 -29.53
C ALA B 81 0.27 -4.95 -30.60
N SER B 82 -0.41 -4.17 -31.44
CA SER B 82 0.26 -3.42 -32.48
C SER B 82 1.17 -2.34 -31.89
N LEU B 83 0.90 -1.99 -30.63
CA LEU B 83 1.72 -1.00 -29.92
C LEU B 83 2.79 -1.67 -29.05
N GLY B 84 2.86 -3.00 -29.11
CA GLY B 84 3.84 -3.74 -28.33
C GLY B 84 3.40 -3.99 -26.90
N LYS B 85 2.10 -4.02 -26.67
CA LYS B 85 1.55 -4.20 -25.34
C LYS B 85 0.46 -5.26 -25.33
N THR B 86 0.10 -5.72 -24.14
CA THR B 86 -1.06 -6.60 -23.99
C THR B 86 -1.62 -6.54 -22.58
N LEU B 87 -2.63 -7.36 -22.32
CA LEU B 87 -3.21 -7.48 -20.99
C LEU B 87 -2.87 -8.82 -20.38
N ALA B 88 -2.77 -8.87 -19.05
CA ALA B 88 -2.51 -10.11 -18.35
C ALA B 88 -3.37 -10.19 -17.10
N VAL B 89 -3.84 -11.39 -16.79
CA VAL B 89 -4.51 -11.60 -15.51
C VAL B 89 -3.46 -11.53 -14.40
N VAL B 90 -3.79 -10.76 -13.36
CA VAL B 90 -2.83 -10.48 -12.31
C VAL B 90 -3.59 -10.41 -10.98
N PRO B 91 -2.95 -10.85 -9.88
CA PRO B 91 -3.62 -10.78 -8.57
C PRO B 91 -4.06 -9.37 -8.17
N LEU B 92 -5.03 -9.30 -7.28
CA LEU B 92 -5.58 -8.02 -6.83
C LEU B 92 -4.97 -7.58 -5.50
N MET C 21 30.03 19.00 31.19
CA MET C 21 30.55 18.16 30.12
C MET C 21 32.04 17.87 30.29
N HIS C 22 32.37 16.58 30.37
CA HIS C 22 33.75 16.16 30.60
C HIS C 22 34.42 15.69 29.30
N ASN C 23 35.67 16.10 29.09
CA ASN C 23 36.42 15.62 27.95
C ASN C 23 36.92 14.20 28.17
N ILE C 24 36.89 13.40 27.11
CA ILE C 24 37.32 12.01 27.20
C ILE C 24 38.39 11.73 26.18
N TYR C 25 39.57 11.30 26.65
CA TYR C 25 40.72 11.07 25.80
C TYR C 25 41.09 9.59 25.75
N PHE C 26 41.67 9.17 24.64
CA PHE C 26 42.13 7.79 24.49
C PHE C 26 43.62 7.69 24.78
N TYR C 27 44.01 6.65 25.51
CA TYR C 27 45.41 6.40 25.80
C TYR C 27 46.15 5.94 24.55
N LYS C 28 47.29 6.58 24.28
CA LYS C 28 48.16 6.18 23.18
C LYS C 28 49.47 5.65 23.74
N ASP C 29 49.81 4.41 23.43
CA ASP C 29 51.01 3.80 24.01
C ASP C 29 52.28 4.27 23.30
N LYS C 30 53.40 3.63 23.64
CA LYS C 30 54.71 3.98 23.08
C LYS C 30 54.76 3.76 21.57
N ASN C 31 54.10 2.71 21.10
CA ASN C 31 54.08 2.36 19.68
C ASN C 31 53.22 3.30 18.85
N GLY C 32 52.37 4.07 19.53
CA GLY C 32 51.52 5.05 18.85
C GLY C 32 50.09 4.57 18.66
N ASN C 33 49.79 3.38 19.18
CA ASN C 33 48.44 2.83 19.06
C ASN C 33 47.55 3.24 20.23
N GLU C 34 46.28 3.51 19.93
CA GLU C 34 45.27 3.71 20.97
C GLU C 34 44.40 2.46 21.06
N PRO C 35 44.62 1.63 22.08
CA PRO C 35 44.02 0.29 22.17
C PRO C 35 42.48 0.28 22.21
N VAL C 36 41.87 1.20 22.96
CA VAL C 36 40.41 1.25 23.02
C VAL C 36 39.82 1.66 21.66
N PHE C 37 40.49 2.61 21.02
CA PHE C 37 40.11 3.05 19.68
C PHE C 37 40.28 1.90 18.68
N ASP C 38 41.40 1.19 18.75
CA ASP C 38 41.68 0.08 17.85
C ASP C 38 40.62 -1.01 17.96
N TYR C 39 40.16 -1.29 19.17
CA TYR C 39 39.14 -2.31 19.37
C TYR C 39 37.81 -1.89 18.76
N MET C 40 37.46 -0.62 18.92
CA MET C 40 36.21 -0.10 18.37
C MET C 40 36.26 -0.10 16.85
N ARG C 41 37.45 0.16 16.30
CA ARG C 41 37.64 0.16 14.85
C ARG C 41 37.42 -1.24 14.28
N GLU C 42 37.87 -2.25 15.01
CA GLU C 42 37.71 -3.62 14.55
C GLU C 42 36.24 -4.03 14.56
N LEU C 43 35.50 -3.56 15.55
CA LEU C 43 34.07 -3.84 15.64
C LEU C 43 33.30 -3.28 14.44
N THR C 44 33.71 -2.12 13.95
CA THR C 44 33.06 -1.52 12.79
C THR C 44 33.42 -2.26 11.51
N SER C 45 34.46 -3.09 11.56
CA SER C 45 34.92 -3.81 10.39
C SER C 45 34.34 -5.21 10.30
N LYS C 46 33.50 -5.59 11.27
CA LYS C 46 32.99 -6.95 11.35
C LYS C 46 31.55 -7.09 10.90
N LYS C 47 31.24 -8.25 10.31
CA LYS C 47 29.91 -8.54 9.75
C LYS C 47 28.81 -8.64 10.79
N GLY C 48 29.07 -9.43 11.83
CA GLY C 48 28.04 -9.88 12.75
C GLY C 48 27.15 -8.80 13.37
N LYS C 49 25.89 -9.18 13.59
CA LYS C 49 24.93 -8.31 14.26
C LYS C 49 25.37 -7.98 15.68
N ASP C 50 26.11 -8.91 16.29
CA ASP C 50 26.56 -8.75 17.67
C ASP C 50 27.57 -7.62 17.83
N SER C 51 28.40 -7.42 16.81
CA SER C 51 29.41 -6.36 16.86
C SER C 51 28.75 -4.99 16.78
N ARG C 52 27.65 -4.90 16.02
CA ARG C 52 26.91 -3.65 15.92
C ARG C 52 26.21 -3.32 17.25
N ILE C 53 25.73 -4.36 17.92
CA ILE C 53 25.08 -4.18 19.22
C ILE C 53 26.08 -3.68 20.26
N LYS C 54 27.26 -4.31 20.30
CA LYS C 54 28.30 -3.95 21.25
C LYS C 54 28.77 -2.51 21.03
N LEU C 55 28.97 -2.15 19.76
CA LEU C 55 29.40 -0.80 19.40
C LEU C 55 28.46 0.27 19.92
N ASN C 56 27.17 0.08 19.66
CA ASN C 56 26.15 1.01 20.09
C ASN C 56 26.18 1.24 21.60
N LYS C 57 26.33 0.15 22.34
CA LYS C 57 26.35 0.21 23.80
C LYS C 57 27.59 0.95 24.31
N ILE C 58 28.73 0.68 23.67
CA ILE C 58 29.97 1.36 24.00
C ILE C 58 29.85 2.85 23.68
N ASN C 59 29.19 3.17 22.56
CA ASN C 59 28.92 4.53 22.17
C ASN C 59 28.12 5.26 23.25
N ASP C 60 27.11 4.58 23.79
CA ASP C 60 26.22 5.17 24.79
C ASP C 60 26.93 5.41 26.12
N TYR C 61 27.75 4.45 26.54
CA TYR C 61 28.39 4.51 27.84
C TYR C 61 29.51 5.55 27.90
N ILE C 62 30.29 5.66 26.83
CA ILE C 62 31.35 6.66 26.77
C ILE C 62 30.74 8.05 26.78
N GLU C 63 29.73 8.27 25.94
CA GLU C 63 29.01 9.53 25.89
C GLU C 63 28.36 9.84 27.24
N LEU C 64 27.91 8.80 27.92
CA LEU C 64 27.33 8.94 29.25
C LEU C 64 28.39 9.37 30.26
N LEU C 65 29.60 8.83 30.12
CA LEU C 65 30.71 9.23 30.97
C LEU C 65 31.08 10.68 30.72
N SER C 66 30.94 11.11 29.47
CA SER C 66 31.26 12.47 29.08
C SER C 66 30.31 13.49 29.70
N GLN C 67 29.03 13.13 29.79
CA GLN C 67 28.04 14.02 30.37
C GLN C 67 28.03 14.02 31.90
N HIS C 68 27.97 12.83 32.51
CA HIS C 68 27.82 12.72 33.96
C HIS C 68 29.07 12.45 34.80
N GLY C 69 30.20 12.21 34.17
CA GLY C 69 31.38 11.75 34.91
C GLY C 69 31.09 10.47 35.69
N THR C 70 31.74 10.33 36.85
CA THR C 70 31.57 9.14 37.68
C THR C 70 30.26 9.13 38.48
N ARG C 71 29.49 10.21 38.38
CA ARG C 71 28.20 10.26 39.07
C ARG C 71 27.11 9.55 38.27
N ALA C 72 27.49 9.02 37.10
CA ALA C 72 26.58 8.17 36.33
C ALA C 72 26.28 6.90 37.11
N GLY C 73 27.24 6.46 37.92
CA GLY C 73 27.05 5.34 38.83
C GLY C 73 26.78 4.00 38.17
N GLU C 74 26.41 3.02 38.99
CA GLU C 74 26.06 1.68 38.52
C GLU C 74 24.78 1.75 37.70
N PRO C 75 24.56 0.78 36.80
CA PRO C 75 25.43 -0.31 36.32
C PRO C 75 26.56 0.16 35.40
N TYR C 76 26.46 1.38 34.89
CA TYR C 76 27.38 1.92 33.90
C TYR C 76 28.84 1.90 34.35
N ILE C 77 29.06 2.20 35.63
CA ILE C 77 30.42 2.45 36.12
C ILE C 77 30.68 1.82 37.49
N LYS C 78 31.80 1.14 37.62
CA LYS C 78 32.28 0.65 38.92
C LYS C 78 33.71 1.12 39.17
N HIS C 79 34.00 1.46 40.42
CA HIS C 79 35.39 1.67 40.82
C HIS C 79 36.02 0.30 41.03
N LEU C 80 37.28 0.15 40.61
CA LEU C 80 37.96 -1.12 40.79
C LEU C 80 38.98 -1.04 41.92
N ASP C 81 40.10 -0.40 41.64
CA ASP C 81 41.13 -0.20 42.65
C ASP C 81 41.85 1.13 42.45
N ALA C 82 42.04 1.86 43.54
CA ALA C 82 42.73 3.14 43.53
C ALA C 82 42.17 4.09 42.46
N GLU C 83 43.02 4.54 41.54
CA GLU C 83 42.59 5.49 40.52
C GLU C 83 41.82 4.82 39.38
N ILE C 84 41.80 3.49 39.38
CA ILE C 84 41.24 2.75 38.26
C ILE C 84 39.73 2.52 38.36
N TRP C 85 39.02 2.92 37.31
CA TRP C 85 37.58 2.72 37.18
C TRP C 85 37.30 1.90 35.93
N GLU C 86 36.09 1.35 35.81
CA GLU C 86 35.73 0.63 34.59
C GLU C 86 34.35 0.96 34.05
N LEU C 87 34.29 1.14 32.73
CA LEU C 87 33.02 1.22 32.01
C LEU C 87 32.54 -0.18 31.68
N ARG C 88 31.25 -0.43 31.87
CA ARG C 88 30.74 -1.80 31.70
C ARG C 88 29.59 -1.91 30.71
N PRO C 89 29.80 -1.51 29.44
CA PRO C 89 28.74 -1.82 28.48
C PRO C 89 28.68 -3.31 28.18
N LEU C 90 27.51 -3.91 28.31
CA LEU C 90 27.33 -5.34 28.10
C LEU C 90 28.43 -6.16 28.76
N ARG C 91 29.12 -6.98 27.97
CA ARG C 91 30.20 -7.80 28.48
C ARG C 91 31.57 -7.13 28.28
N ASP C 92 31.55 -5.95 27.67
CA ASP C 92 32.78 -5.19 27.44
C ASP C 92 33.20 -4.39 28.66
N ARG C 93 34.49 -4.40 28.95
CA ARG C 93 35.04 -3.62 30.06
C ARG C 93 36.11 -2.65 29.57
N ILE C 94 35.94 -1.38 29.87
CA ILE C 94 36.91 -0.35 29.50
C ILE C 94 37.44 0.35 30.75
N LEU C 95 38.72 0.14 31.04
CA LEU C 95 39.31 0.74 32.23
C LEU C 95 39.69 2.19 31.93
N PHE C 96 39.37 3.09 32.87
CA PHE C 96 39.72 4.48 32.69
C PHE C 96 40.09 5.13 34.01
N VAL C 97 40.48 6.39 33.95
CA VAL C 97 41.00 7.10 35.12
C VAL C 97 40.62 8.57 35.04
N ALA C 98 40.43 9.20 36.19
CA ALA C 98 40.19 10.64 36.21
C ALA C 98 41.44 11.38 35.76
N TRP C 99 41.25 12.47 35.03
CA TRP C 99 42.36 13.24 34.49
C TRP C 99 42.10 14.73 34.72
N MET C 100 43.13 15.55 34.54
CA MET C 100 43.06 16.98 34.89
C MET C 100 41.97 17.73 34.11
N ASP C 101 41.46 18.79 34.72
CA ASP C 101 40.38 19.62 34.16
C ASP C 101 39.12 18.77 34.01
N GLY C 102 38.83 17.96 35.01
CA GLY C 102 37.64 17.11 35.02
C GLY C 102 37.46 16.24 33.80
N SER C 103 38.56 15.80 33.20
CA SER C 103 38.49 14.93 32.03
C SER C 103 38.75 13.47 32.42
N PHE C 104 38.66 12.59 31.44
CA PHE C 104 38.88 11.16 31.67
C PHE C 104 39.73 10.55 30.56
N VAL C 105 40.53 9.56 30.92
CA VAL C 105 41.37 8.88 29.95
C VAL C 105 41.02 7.40 29.86
N LEU C 106 40.59 6.95 28.68
CA LEU C 106 40.29 5.53 28.49
C LEU C 106 41.59 4.76 28.26
N LEU C 107 41.89 3.83 29.16
CA LEU C 107 43.17 3.14 29.15
C LEU C 107 43.20 1.95 28.19
N HIS C 108 42.49 0.88 28.52
CA HIS C 108 42.40 -0.25 27.58
C HIS C 108 41.13 -1.07 27.78
N HIS C 109 40.99 -2.08 26.93
CA HIS C 109 39.80 -2.91 26.87
C HIS C 109 40.10 -4.35 27.24
N PHE C 110 39.12 -5.04 27.81
CA PHE C 110 39.10 -6.49 27.84
C PHE C 110 37.65 -6.97 27.92
N MET C 111 37.43 -8.22 27.55
CA MET C 111 36.11 -8.83 27.62
C MET C 111 35.91 -9.57 28.95
N LYS C 112 34.69 -9.52 29.47
CA LYS C 112 34.33 -10.18 30.72
C LYS C 112 34.67 -11.67 30.72
N ARG C 113 35.38 -12.11 31.75
CA ARG C 113 35.72 -13.51 31.86
C ARG C 113 35.26 -14.05 33.24
N THR C 114 35.93 -13.67 34.33
CA THR C 114 35.60 -14.23 35.64
C THR C 114 34.32 -13.60 36.20
N GLN C 115 33.97 -13.94 37.44
CA GLN C 115 32.76 -13.39 38.05
C GLN C 115 32.93 -11.88 38.31
N LYS C 116 34.17 -11.43 38.49
CA LYS C 116 34.46 -10.00 38.53
C LYS C 116 35.90 -9.74 38.09
N THR C 117 36.14 -8.52 37.60
CA THR C 117 37.35 -8.11 36.90
C THR C 117 38.69 -8.51 37.55
N PRO C 118 39.54 -9.22 36.78
CA PRO C 118 40.83 -9.79 37.18
C PRO C 118 41.89 -8.76 37.57
N LYS C 119 42.86 -9.20 38.38
CA LYS C 119 43.95 -8.36 38.83
C LYS C 119 44.95 -8.03 37.71
N ARG C 120 45.03 -8.90 36.72
CA ARG C 120 45.93 -8.70 35.58
C ARG C 120 45.63 -7.40 34.87
N GLU C 121 44.35 -7.16 34.63
CA GLU C 121 43.90 -5.97 33.91
C GLU C 121 44.12 -4.72 34.74
N ILE C 122 43.79 -4.80 36.02
CA ILE C 122 43.96 -3.68 36.94
C ILE C 122 45.40 -3.22 36.98
N GLU C 123 46.33 -4.16 37.10
CA GLU C 123 47.75 -3.80 37.16
C GLU C 123 48.23 -3.26 35.82
N GLN C 124 47.68 -3.79 34.73
CA GLN C 124 48.00 -3.27 33.40
C GLN C 124 47.52 -1.84 33.27
N ALA C 125 46.36 -1.54 33.85
CA ALA C 125 45.85 -0.19 33.87
C ALA C 125 46.75 0.73 34.69
N LYS C 126 47.24 0.23 35.83
CA LYS C 126 48.14 0.99 36.67
C LYS C 126 49.41 1.37 35.91
N ARG C 127 49.95 0.42 35.17
CA ARG C 127 51.14 0.65 34.35
C ARG C 127 50.92 1.72 33.29
N GLU C 128 49.77 1.66 32.62
CA GLU C 128 49.43 2.63 31.59
C GLU C 128 49.26 4.02 32.17
N LEU C 129 48.72 4.10 33.38
CA LEU C 129 48.57 5.37 34.09
C LEU C 129 49.93 5.95 34.48
N ALA C 130 50.82 5.11 34.99
CA ALA C 130 52.16 5.53 35.36
C ALA C 130 52.91 6.01 34.11
N ASP C 131 52.72 5.29 33.01
CA ASP C 131 53.35 5.63 31.74
C ASP C 131 52.96 7.03 31.25
N LEU C 132 51.69 7.37 31.34
CA LEU C 132 51.22 8.65 30.79
C LEU C 132 51.48 9.84 31.72
N LYS C 133 51.68 9.56 33.01
CA LYS C 133 52.06 10.62 33.94
C LYS C 133 53.50 11.05 33.67
N GLU C 134 54.37 10.07 33.39
CA GLU C 134 55.78 10.33 33.17
C GLU C 134 56.09 10.81 31.74
N ARG C 135 55.33 10.33 30.77
CA ARG C 135 55.47 10.83 29.40
C ARG C 135 54.84 12.21 29.28
N GLY C 136 54.15 12.63 30.34
CA GLY C 136 53.60 13.97 30.41
C GLY C 136 54.64 15.00 30.81
N LEU C 137 55.90 14.59 30.77
CA LEU C 137 56.99 15.51 31.09
C LEU C 137 57.89 15.76 29.88
N ASP C 138 57.75 16.93 29.25
CA ASP C 138 56.59 17.78 29.50
C ASP C 138 55.78 18.05 28.22
N LYS D 2 50.59 19.31 26.89
CA LYS D 2 51.00 18.49 25.75
C LYS D 2 51.62 17.17 26.20
N ASN D 3 50.99 16.07 25.82
CA ASN D 3 51.47 14.74 26.15
C ASN D 3 51.21 13.74 25.03
N ASN D 4 52.17 12.86 24.77
CA ASN D 4 52.06 11.89 23.69
C ASN D 4 51.15 10.72 24.04
N ALA D 5 50.97 10.48 25.32
CA ALA D 5 50.15 9.36 25.78
C ALA D 5 48.67 9.76 25.83
N ILE D 6 48.40 11.06 25.77
CA ILE D 6 47.02 11.53 25.70
C ILE D 6 46.64 11.76 24.25
N GLY D 7 45.77 10.90 23.75
CA GLY D 7 45.45 10.83 22.34
C GLY D 7 44.15 11.51 21.93
N SER D 8 43.49 10.91 20.96
CA SER D 8 42.29 11.45 20.35
C SER D 8 41.18 11.78 21.34
N ASN D 9 40.49 12.88 21.08
CA ASN D 9 39.31 13.25 21.85
C ASN D 9 38.13 12.42 21.39
N TRP D 10 37.28 12.02 22.34
CA TRP D 10 36.11 11.21 22.05
C TRP D 10 35.17 11.87 21.05
N LYS D 11 35.09 13.20 21.09
CA LYS D 11 34.26 13.93 20.15
C LYS D 11 34.65 13.64 18.70
N ASP D 12 35.95 13.56 18.45
CA ASP D 12 36.46 13.28 17.12
C ASP D 12 36.41 11.80 16.75
N VAL D 13 36.68 10.95 17.72
CA VAL D 13 36.59 9.50 17.52
C VAL D 13 35.17 9.07 17.20
N ARG D 14 34.21 9.64 17.92
CA ARG D 14 32.80 9.32 17.73
C ARG D 14 32.34 9.72 16.32
N ALA D 15 32.77 10.89 15.88
CA ALA D 15 32.40 11.40 14.57
C ALA D 15 32.96 10.52 13.44
N GLU D 16 34.10 9.89 13.68
CA GLU D 16 34.71 9.02 12.69
C GLU D 16 34.02 7.65 12.61
N LEU D 17 33.75 7.06 13.75
CA LEU D 17 33.26 5.68 13.81
C LEU D 17 31.75 5.56 13.63
N PHE D 18 31.03 6.67 13.74
CA PHE D 18 29.57 6.61 13.69
C PHE D 18 28.97 7.64 12.73
N SER D 19 27.93 7.23 12.03
CA SER D 19 27.18 8.11 11.14
C SER D 19 26.29 9.05 11.93
N LYS D 20 25.86 10.15 11.30
CA LYS D 20 24.93 11.09 11.92
C LYS D 20 23.71 10.41 12.52
N GLU D 21 23.18 9.44 11.79
CA GLU D 21 21.99 8.70 12.20
C GLU D 21 22.23 7.86 13.45
N GLU D 22 23.41 7.24 13.53
CA GLU D 22 23.75 6.41 14.68
C GLU D 22 24.01 7.25 15.93
N ILE D 23 24.60 8.43 15.73
CA ILE D 23 24.86 9.35 16.83
C ILE D 23 23.55 9.88 17.42
N LEU D 24 22.63 10.24 16.54
CA LEU D 24 21.33 10.76 16.95
C LEU D 24 20.56 9.74 17.79
N GLU D 25 20.59 8.48 17.37
CA GLU D 25 19.95 7.40 18.12
C GLU D 25 20.64 7.19 19.46
N SER D 26 21.97 7.27 19.45
CA SER D 26 22.76 7.09 20.66
C SER D 26 22.45 8.18 21.68
N ASP D 27 22.41 9.43 21.20
CA ASP D 27 22.12 10.57 22.06
C ASP D 27 20.74 10.46 22.72
N MET D 28 19.78 9.89 22.00
CA MET D 28 18.44 9.70 22.53
C MET D 28 18.41 8.63 23.60
N ARG D 29 19.09 7.51 23.35
CA ARG D 29 19.19 6.45 24.36
C ARG D 29 19.90 6.97 25.60
N VAL D 30 20.84 7.88 25.39
CA VAL D 30 21.61 8.48 26.47
C VAL D 30 20.75 9.44 27.28
N ALA D 31 19.91 10.21 26.60
CA ALA D 31 18.99 11.15 27.25
C ALA D 31 18.05 10.43 28.22
N ILE D 32 17.54 9.28 27.78
CA ILE D 32 16.72 8.44 28.64
C ILE D 32 17.54 7.93 29.82
N MET D 33 18.77 7.50 29.55
CA MET D 33 19.67 7.06 30.60
C MET D 33 19.94 8.19 31.59
N SER D 34 20.07 9.41 31.07
CA SER D 34 20.34 10.58 31.90
C SER D 34 19.19 10.86 32.87
N GLU D 35 17.96 10.72 32.39
CA GLU D 35 16.79 10.98 33.21
C GLU D 35 16.68 9.98 34.37
N LEU D 36 16.95 8.71 34.08
CA LEU D 36 16.96 7.68 35.11
C LEU D 36 18.04 7.96 36.15
N ILE D 37 19.14 8.55 35.70
CA ILE D 37 20.27 8.86 36.57
C ILE D 37 20.02 10.07 37.47
N GLU D 38 19.59 11.17 36.87
CA GLU D 38 19.35 12.41 37.63
C GLU D 38 18.16 12.27 38.57
N ALA D 39 17.30 11.29 38.30
CA ALA D 39 16.18 10.99 39.17
C ALA D 39 16.64 10.19 40.38
N ARG D 40 17.65 9.35 40.19
CA ARG D 40 18.23 8.59 41.29
C ARG D 40 19.12 9.48 42.14
N ASN D 41 19.93 10.30 41.47
CA ASN D 41 20.86 11.18 42.17
C ASN D 41 20.24 12.37 42.91
N GLU D 42 19.48 13.22 42.20
CA GLU D 42 18.90 14.41 42.84
C GLU D 42 17.62 14.05 43.58
N LYS D 43 16.72 13.36 42.89
CA LYS D 43 15.34 13.22 43.35
C LYS D 43 15.14 12.02 44.29
N GLY D 44 16.22 11.28 44.54
CA GLY D 44 16.17 10.18 45.51
C GLY D 44 15.13 9.13 45.20
N ILE D 45 14.86 8.92 43.91
CA ILE D 45 13.91 7.90 43.49
C ILE D 45 14.62 6.58 43.17
N SER D 46 14.18 5.50 43.82
CA SER D 46 14.70 4.17 43.51
C SER D 46 14.03 3.63 42.25
N GLN D 47 14.40 2.42 41.85
CA GLN D 47 13.99 1.98 40.54
C GLN D 47 12.62 1.32 40.87
N LYS D 48 12.50 0.91 42.14
CA LYS D 48 11.29 0.32 42.71
C LYS D 48 10.25 1.40 42.94
N LYS D 49 10.72 2.55 43.41
CA LYS D 49 9.86 3.71 43.56
C LYS D 49 9.35 4.15 42.20
N LEU D 50 10.23 4.03 41.20
CA LEU D 50 9.88 4.37 39.83
C LEU D 50 8.90 3.35 39.25
N GLU D 51 9.05 2.09 39.66
CA GLU D 51 8.16 1.03 39.20
C GLU D 51 6.72 1.28 39.63
N GLU D 52 6.52 1.73 40.87
CA GLU D 52 5.18 2.00 41.36
C GLU D 52 4.55 3.17 40.62
N MET D 53 5.32 4.26 40.49
CA MET D 53 4.83 5.46 39.81
C MET D 53 4.48 5.19 38.35
N SER D 54 5.38 4.56 37.61
CA SER D 54 5.18 4.34 36.19
C SER D 54 4.44 3.05 35.85
N GLY D 55 4.35 2.14 36.82
CA GLY D 55 3.70 0.86 36.59
C GLY D 55 4.55 -0.15 35.83
N VAL D 56 5.72 0.28 35.35
CA VAL D 56 6.59 -0.59 34.57
C VAL D 56 7.45 -1.47 35.48
N SER D 57 7.54 -2.75 35.15
CA SER D 57 8.29 -3.72 35.96
C SER D 57 9.77 -3.35 36.06
N GLN D 58 10.39 -3.76 37.17
CA GLN D 58 11.80 -3.45 37.43
C GLN D 58 12.77 -4.02 36.38
N PRO D 59 12.55 -5.27 35.91
CA PRO D 59 13.43 -5.74 34.82
C PRO D 59 13.35 -4.92 33.54
N VAL D 60 12.16 -4.50 33.14
CA VAL D 60 12.01 -3.73 31.90
C VAL D 60 12.67 -2.35 32.02
N ILE D 61 12.59 -1.76 33.21
CA ILE D 61 13.27 -0.49 33.46
C ILE D 61 14.78 -0.65 33.37
N ALA D 62 15.28 -1.72 33.96
CA ALA D 62 16.72 -2.01 33.97
C ALA D 62 17.25 -2.23 32.56
N ARG D 63 16.46 -2.89 31.72
CA ARG D 63 16.88 -3.19 30.35
C ARG D 63 16.95 -1.94 29.47
N MET D 64 16.41 -0.83 29.97
CA MET D 64 16.59 0.44 29.26
C MET D 64 18.06 0.85 29.39
N GLU D 65 18.63 0.63 30.57
CA GLU D 65 20.03 0.93 30.81
C GLU D 65 21.01 -0.13 30.28
N THR D 66 20.77 -1.40 30.64
CA THR D 66 21.70 -2.48 30.30
C THR D 66 21.36 -3.29 29.04
N GLY D 67 20.16 -3.08 28.49
CA GLY D 67 19.66 -3.94 27.43
C GLY D 67 20.41 -3.92 26.12
N LYS D 68 20.47 -5.07 25.46
CA LYS D 68 21.07 -5.18 24.14
C LYS D 68 20.26 -4.41 23.10
N THR D 69 18.94 -4.54 23.16
CA THR D 69 18.05 -3.87 22.22
C THR D 69 17.33 -2.70 22.88
N SER D 70 17.15 -1.62 22.12
CA SER D 70 16.53 -0.40 22.64
C SER D 70 15.12 -0.64 23.15
N PRO D 71 14.69 0.14 24.17
CA PRO D 71 13.39 -0.06 24.80
C PRO D 71 12.19 0.23 23.91
N GLN D 72 11.03 -0.28 24.30
CA GLN D 72 9.78 -0.05 23.60
C GLN D 72 9.29 1.36 23.85
N LEU D 73 8.60 1.95 22.88
CA LEU D 73 8.21 3.35 22.96
C LEU D 73 7.23 3.65 24.09
N ASP D 74 6.23 2.78 24.28
CA ASP D 74 5.22 3.01 25.31
C ASP D 74 5.83 2.98 26.71
N THR D 75 6.77 2.07 26.95
CA THR D 75 7.41 1.96 28.26
C THR D 75 8.28 3.17 28.55
N VAL D 76 8.90 3.72 27.51
CA VAL D 76 9.69 4.94 27.66
C VAL D 76 8.79 6.10 28.05
N LEU D 77 7.62 6.18 27.42
CA LEU D 77 6.67 7.24 27.71
C LEU D 77 6.11 7.15 29.13
N LYS D 78 5.85 5.93 29.60
CA LYS D 78 5.34 5.72 30.94
C LYS D 78 6.37 6.12 31.99
N VAL D 79 7.61 5.73 31.78
CA VAL D 79 8.69 6.00 32.72
C VAL D 79 9.03 7.50 32.75
N LEU D 80 9.17 8.09 31.56
CA LEU D 80 9.49 9.51 31.46
C LEU D 80 8.41 10.38 32.10
N ALA D 81 7.15 10.04 31.85
CA ALA D 81 6.02 10.83 32.34
C ALA D 81 6.03 10.92 33.87
N SER D 82 6.39 9.83 34.52
CA SER D 82 6.44 9.82 35.98
C SER D 82 7.57 10.71 36.49
N LEU D 83 8.54 10.98 35.63
CA LEU D 83 9.64 11.88 35.96
C LEU D 83 9.39 13.30 35.47
N GLY D 84 8.23 13.51 34.84
CA GLY D 84 7.87 14.83 34.34
C GLY D 84 8.39 15.14 32.95
N LYS D 85 8.59 14.11 32.13
CA LYS D 85 9.14 14.30 30.78
C LYS D 85 8.37 13.47 29.73
N THR D 86 8.44 13.86 28.46
CA THR D 86 7.97 12.99 27.38
C THR D 86 8.87 13.12 26.16
N LEU D 87 8.50 12.39 25.12
CA LEU D 87 9.06 12.57 23.80
C LEU D 87 8.06 13.37 22.97
N ALA D 88 8.57 14.25 22.12
CA ALA D 88 7.75 14.98 21.17
C ALA D 88 8.35 14.82 19.79
N VAL D 89 7.50 14.80 18.77
CA VAL D 89 7.99 14.77 17.40
C VAL D 89 8.44 16.17 17.02
N VAL D 90 9.71 16.30 16.64
CA VAL D 90 10.31 17.58 16.31
C VAL D 90 11.07 17.49 14.98
N PRO D 91 11.29 18.64 14.31
CA PRO D 91 12.09 18.66 13.09
C PRO D 91 13.53 18.16 13.33
N LEU D 92 14.22 17.76 12.26
CA LEU D 92 15.42 16.94 12.43
C LEU D 92 16.62 17.70 12.98
N GLU D 93 17.21 18.59 12.18
CA GLU D 93 18.35 19.37 12.65
C GLU D 93 17.99 20.85 12.74
N MET E 21 -7.36 21.62 14.82
CA MET E 21 -8.07 21.57 13.54
C MET E 21 -9.18 20.52 13.60
N HIS E 22 -10.30 20.80 12.92
CA HIS E 22 -11.42 19.85 12.83
C HIS E 22 -12.01 19.41 14.17
N ASN E 23 -12.78 20.27 14.81
CA ASN E 23 -13.54 19.88 16.00
C ASN E 23 -14.46 18.69 15.75
N ILE E 24 -14.60 17.84 16.75
CA ILE E 24 -15.47 16.66 16.65
C ILE E 24 -16.58 16.73 17.69
N TYR E 25 -17.82 16.55 17.25
CA TYR E 25 -18.97 16.58 18.15
C TYR E 25 -19.72 15.25 18.13
N PHE E 26 -20.39 14.94 19.24
CA PHE E 26 -21.18 13.73 19.34
C PHE E 26 -22.66 14.05 19.11
N TYR E 27 -23.31 13.26 18.27
CA TYR E 27 -24.74 13.43 18.01
C TYR E 27 -25.58 13.14 19.25
N LYS E 28 -26.51 14.02 19.56
CA LYS E 28 -27.42 13.83 20.68
C LYS E 28 -28.86 13.71 20.18
N ASP E 29 -29.53 12.61 20.51
CA ASP E 29 -30.88 12.38 20.04
C ASP E 29 -31.90 13.22 20.82
N LYS E 30 -33.18 12.98 20.57
CA LYS E 30 -34.27 13.68 21.23
C LYS E 30 -34.26 13.46 22.74
N ASN E 31 -33.99 12.22 23.14
CA ASN E 31 -34.02 11.83 24.54
C ASN E 31 -32.81 12.35 25.33
N GLY E 32 -31.88 13.00 24.64
CA GLY E 32 -30.74 13.62 25.29
C GLY E 32 -29.52 12.72 25.32
N ASN E 33 -29.67 11.50 24.80
CA ASN E 33 -28.56 10.55 24.75
C ASN E 33 -27.63 10.77 23.57
N GLU E 34 -26.37 10.40 23.76
CA GLU E 34 -25.35 10.48 22.73
C GLU E 34 -24.80 9.07 22.50
N PRO E 35 -25.37 8.35 21.52
CA PRO E 35 -25.13 6.91 21.27
C PRO E 35 -23.66 6.51 21.23
N VAL E 36 -22.81 7.30 20.57
CA VAL E 36 -21.39 6.96 20.48
C VAL E 36 -20.72 7.15 21.83
N PHE E 37 -21.02 8.26 22.50
CA PHE E 37 -20.50 8.55 23.82
C PHE E 37 -20.92 7.45 24.80
N ASP E 38 -22.19 7.06 24.72
CA ASP E 38 -22.74 6.02 25.60
C ASP E 38 -21.99 4.70 25.45
N TYR E 39 -21.72 4.30 24.20
CA TYR E 39 -21.04 3.05 23.95
C TYR E 39 -19.61 3.04 24.50
N MET E 40 -18.92 4.17 24.36
CA MET E 40 -17.55 4.29 24.87
C MET E 40 -17.56 4.29 26.39
N ARG E 41 -18.65 4.79 26.96
CA ARG E 41 -18.72 4.94 28.41
C ARG E 41 -18.82 3.59 29.11
N GLU E 42 -19.59 2.66 28.57
CA GLU E 42 -19.69 1.38 29.24
C GLU E 42 -18.52 0.48 28.84
N LEU E 43 -17.85 0.78 27.73
CA LEU E 43 -16.58 0.12 27.43
C LEU E 43 -15.58 0.44 28.53
N THR E 44 -15.65 1.69 29.00
CA THR E 44 -14.82 2.18 30.08
C THR E 44 -15.20 1.51 31.40
N SER E 45 -16.45 1.10 31.54
CA SER E 45 -16.91 0.50 32.79
C SER E 45 -16.58 -0.99 32.89
N LYS E 46 -16.35 -1.65 31.76
CA LYS E 46 -16.16 -3.10 31.75
C LYS E 46 -14.76 -3.51 32.19
N LYS E 47 -14.65 -4.74 32.68
CA LYS E 47 -13.45 -5.23 33.33
C LYS E 47 -12.45 -5.90 32.37
N GLY E 48 -11.33 -6.40 32.83
CA GLY E 48 -10.56 -7.17 31.87
C GLY E 48 -9.90 -6.38 30.77
N LYS E 49 -9.58 -7.01 29.63
CA LYS E 49 -8.70 -6.36 28.67
C LYS E 49 -9.15 -6.02 27.26
N ASP E 50 -10.12 -6.74 26.73
CA ASP E 50 -10.57 -6.47 25.37
C ASP E 50 -11.17 -5.06 25.20
N SER E 51 -11.77 -4.55 26.26
CA SER E 51 -12.58 -3.38 26.30
C SER E 51 -11.67 -2.21 26.16
N ARG E 52 -10.55 -2.31 26.84
CA ARG E 52 -9.52 -1.31 26.83
C ARG E 52 -8.89 -1.13 25.47
N ILE E 53 -8.61 -2.24 24.83
CA ILE E 53 -7.99 -2.25 23.51
C ILE E 53 -8.87 -1.51 22.50
N LYS E 54 -10.15 -1.87 22.45
CA LYS E 54 -11.08 -1.22 21.53
C LYS E 54 -11.15 0.27 21.80
N LEU E 55 -11.24 0.63 23.08
CA LEU E 55 -11.27 2.03 23.48
C LEU E 55 -10.06 2.83 22.99
N ASN E 56 -8.87 2.24 23.15
CA ASN E 56 -7.64 2.90 22.73
C ASN E 56 -7.56 3.06 21.22
N LYS E 57 -8.09 2.10 20.48
CA LYS E 57 -8.08 2.16 19.02
C LYS E 57 -9.05 3.23 18.54
N ILE E 58 -10.16 3.35 19.25
CA ILE E 58 -11.18 4.37 18.95
C ILE E 58 -10.62 5.75 19.25
N ASN E 59 -9.87 5.85 20.35
CA ASN E 59 -9.23 7.09 20.75
C ASN E 59 -8.31 7.60 19.65
N ASP E 60 -7.50 6.69 19.11
CA ASP E 60 -6.55 7.01 18.05
C ASP E 60 -7.25 7.48 16.77
N TYR E 61 -8.24 6.71 16.33
CA TYR E 61 -8.92 6.99 15.07
C TYR E 61 -9.71 8.31 15.08
N ILE E 62 -10.42 8.59 16.17
CA ILE E 62 -11.14 9.85 16.29
C ILE E 62 -10.16 11.02 16.29
N GLU E 63 -9.06 10.85 17.00
CA GLU E 63 -8.02 11.87 17.07
C GLU E 63 -7.40 12.11 15.69
N LEU E 64 -7.23 11.04 14.92
CA LEU E 64 -6.74 11.14 13.54
C LEU E 64 -7.73 11.90 12.67
N LEU E 65 -9.01 11.59 12.81
CA LEU E 65 -10.05 12.29 12.08
C LEU E 65 -10.01 13.78 12.42
N SER E 66 -9.69 14.09 13.67
CA SER E 66 -9.56 15.46 14.11
C SER E 66 -8.39 16.15 13.41
N GLN E 67 -7.25 15.48 13.34
CA GLN E 67 -6.06 16.11 12.75
C GLN E 67 -6.07 16.19 11.22
N HIS E 68 -6.34 15.08 10.55
CA HIS E 68 -6.27 15.06 9.08
C HIS E 68 -7.61 15.23 8.38
N GLY E 69 -8.70 15.27 9.16
CA GLY E 69 -10.02 15.36 8.58
C GLY E 69 -10.33 14.21 7.67
N THR E 70 -10.97 14.49 6.54
CA THR E 70 -11.38 13.47 5.60
C THR E 70 -10.22 12.96 4.75
N ARG E 71 -9.07 13.62 4.87
CA ARG E 71 -7.89 13.29 4.07
C ARG E 71 -7.08 12.15 4.68
N ALA E 72 -7.53 11.64 5.82
CA ALA E 72 -6.81 10.59 6.54
C ALA E 72 -6.67 9.32 5.71
N GLY E 73 -7.67 9.01 4.89
CA GLY E 73 -7.61 7.87 4.00
C GLY E 73 -7.86 6.53 4.67
N GLU E 74 -8.13 5.51 3.86
CA GLU E 74 -8.32 4.15 4.35
C GLU E 74 -6.98 3.62 4.87
N PRO E 75 -7.00 2.65 5.80
CA PRO E 75 -8.06 1.89 6.47
C PRO E 75 -8.88 2.67 7.50
N TYR E 76 -8.37 3.81 7.94
CA TYR E 76 -8.97 4.56 9.05
C TYR E 76 -10.41 5.00 8.76
N ILE E 77 -10.60 5.74 7.68
CA ILE E 77 -11.94 6.19 7.31
C ILE E 77 -12.31 5.69 5.93
N LYS E 78 -13.59 5.52 5.68
CA LYS E 78 -14.07 5.13 4.36
C LYS E 78 -15.39 5.84 4.04
N HIS E 79 -15.47 6.41 2.85
CA HIS E 79 -16.71 7.03 2.39
C HIS E 79 -17.74 5.94 2.09
N LEU E 80 -19.00 6.24 2.38
CA LEU E 80 -20.06 5.25 2.21
C LEU E 80 -21.14 5.71 1.23
N ASP E 81 -22.00 6.62 1.69
CA ASP E 81 -23.07 7.14 0.85
C ASP E 81 -23.28 8.63 1.11
N ALA E 82 -23.21 9.44 0.05
CA ALA E 82 -23.45 10.88 0.15
C ALA E 82 -22.60 11.53 1.24
N GLU E 83 -23.27 12.11 2.24
CA GLU E 83 -22.59 12.84 3.31
C GLU E 83 -22.00 11.91 4.36
N ILE E 84 -22.39 10.64 4.30
CA ILE E 84 -22.03 9.68 5.34
C ILE E 84 -20.65 9.04 5.12
N TRP E 85 -19.82 9.09 6.16
CA TRP E 85 -18.56 8.37 6.18
C TRP E 85 -18.59 7.37 7.32
N GLU E 86 -17.52 6.60 7.47
CA GLU E 86 -17.40 5.72 8.61
C GLU E 86 -15.97 5.68 9.11
N LEU E 87 -15.83 5.66 10.43
CA LEU E 87 -14.55 5.46 11.08
C LEU E 87 -14.44 3.96 11.37
N ARG E 88 -13.26 3.38 11.19
CA ARG E 88 -13.16 1.92 11.26
C ARG E 88 -12.09 1.38 12.22
N PRO E 89 -12.18 1.74 13.52
CA PRO E 89 -11.23 1.09 14.43
C PRO E 89 -11.59 -0.37 14.65
N LEU E 90 -10.64 -1.28 14.43
CA LEU E 90 -10.90 -2.73 14.52
C LEU E 90 -12.22 -3.05 13.79
N ARG E 91 -13.13 -3.82 14.39
CA ARG E 91 -14.46 -3.97 13.77
C ARG E 91 -15.51 -3.04 14.36
N ASP E 92 -15.13 -2.13 15.25
CA ASP E 92 -16.04 -1.05 15.60
C ASP E 92 -16.22 -0.16 14.37
N ARG E 93 -17.47 0.25 14.11
CA ARG E 93 -17.74 1.19 13.02
C ARG E 93 -18.48 2.40 13.53
N ILE E 94 -17.91 3.58 13.33
CA ILE E 94 -18.54 4.82 13.76
C ILE E 94 -18.90 5.69 12.57
N LEU E 95 -20.20 5.93 12.39
CA LEU E 95 -20.66 6.72 11.27
C LEU E 95 -20.64 8.20 11.62
N PHE E 96 -20.08 9.00 10.72
CA PHE E 96 -20.01 10.45 10.93
C PHE E 96 -20.27 11.23 9.65
N VAL E 97 -20.49 12.53 9.80
CA VAL E 97 -20.72 13.43 8.67
C VAL E 97 -19.89 14.69 8.81
N ALA E 98 -19.63 15.34 7.69
CA ALA E 98 -19.00 16.65 7.72
C ALA E 98 -19.97 17.66 8.32
N TRP E 99 -19.44 18.74 8.86
CA TRP E 99 -20.28 19.75 9.50
C TRP E 99 -19.64 21.13 9.32
N MET E 100 -20.23 22.14 9.96
CA MET E 100 -19.85 23.54 9.74
C MET E 100 -18.46 23.87 10.26
N ASP E 101 -17.82 24.83 9.59
CA ASP E 101 -16.49 25.34 9.97
C ASP E 101 -15.44 24.23 10.02
N GLY E 102 -15.58 23.25 9.12
CA GLY E 102 -14.64 22.16 9.01
C GLY E 102 -14.67 21.21 10.21
N SER E 103 -15.86 20.89 10.69
CA SER E 103 -16.00 19.99 11.82
C SER E 103 -16.67 18.69 11.39
N PHE E 104 -16.86 17.79 12.36
CA PHE E 104 -17.50 16.50 12.11
C PHE E 104 -18.41 16.13 13.28
N VAL E 105 -19.45 15.35 12.97
CA VAL E 105 -20.35 14.88 14.01
C VAL E 105 -20.44 13.36 13.98
N LEU E 106 -20.17 12.72 15.11
CA LEU E 106 -20.28 11.28 15.22
C LEU E 106 -21.72 10.86 15.51
N LEU E 107 -22.29 10.03 14.64
CA LEU E 107 -23.71 9.69 14.69
C LEU E 107 -24.04 8.52 15.63
N HIS E 108 -23.64 7.29 15.28
CA HIS E 108 -23.84 6.14 16.17
C HIS E 108 -22.81 5.06 15.85
N HIS E 109 -22.77 3.95 16.61
CA HIS E 109 -22.05 2.79 16.08
C HIS E 109 -22.80 1.49 15.95
N PHE E 110 -22.16 0.63 15.16
CA PHE E 110 -22.41 -0.82 15.14
C PHE E 110 -21.10 -1.65 15.08
N MET E 111 -21.05 -2.82 15.68
CA MET E 111 -20.09 -3.81 15.22
C MET E 111 -20.55 -4.30 13.88
N LYS E 112 -19.63 -4.65 13.00
CA LYS E 112 -20.02 -5.23 11.77
C LYS E 112 -19.66 -6.70 11.79
N ARG E 113 -20.62 -7.60 11.68
CA ARG E 113 -20.22 -8.95 11.31
C ARG E 113 -20.91 -9.47 10.04
N THR E 114 -20.61 -8.88 8.88
CA THR E 114 -19.32 -8.84 8.24
C THR E 114 -19.32 -8.00 6.99
N GLN E 115 -18.14 -7.48 6.65
CA GLN E 115 -17.52 -7.56 5.33
C GLN E 115 -18.40 -6.94 4.27
N LYS E 116 -19.18 -5.93 4.67
CA LYS E 116 -19.68 -4.84 3.78
C LYS E 116 -20.58 -3.94 4.65
N THR E 117 -21.10 -2.81 4.17
CA THR E 117 -21.89 -2.02 5.15
C THR E 117 -23.42 -2.29 4.95
N PRO E 118 -24.07 -2.92 5.95
CA PRO E 118 -25.20 -3.87 5.94
C PRO E 118 -26.49 -3.18 6.00
N LYS E 119 -26.56 -2.12 5.25
CA LYS E 119 -26.90 -0.88 5.85
C LYS E 119 -28.39 -0.86 6.27
N ARG E 120 -28.63 -1.09 7.59
CA ARG E 120 -29.81 -0.63 8.32
C ARG E 120 -29.22 0.49 9.23
N GLU E 121 -28.05 0.99 8.84
CA GLU E 121 -27.24 1.98 9.56
C GLU E 121 -27.25 3.40 8.95
N ILE E 122 -26.88 3.60 7.69
CA ILE E 122 -26.95 4.98 7.14
C ILE E 122 -28.34 5.72 7.25
N GLU E 123 -29.39 5.00 6.96
CA GLU E 123 -30.70 5.59 7.07
C GLU E 123 -31.06 6.12 8.47
N GLN E 124 -30.76 5.38 9.53
CA GLN E 124 -30.53 5.87 10.85
C GLN E 124 -29.49 6.97 10.79
N ALA E 125 -28.32 6.79 10.15
CA ALA E 125 -27.32 7.88 10.11
C ALA E 125 -27.85 9.06 9.27
N LYS E 126 -28.46 8.77 8.11
CA LYS E 126 -29.17 9.79 7.33
C LYS E 126 -30.40 10.28 8.08
N ARG E 127 -31.10 9.39 8.77
CA ARG E 127 -32.19 9.81 9.68
C ARG E 127 -31.63 10.71 10.76
N GLU E 128 -30.55 10.27 11.41
CA GLU E 128 -29.91 11.05 12.45
C GLU E 128 -29.35 12.35 11.88
N LEU E 129 -28.77 12.28 10.68
CA LEU E 129 -28.29 13.48 10.01
C LEU E 129 -29.46 14.38 9.63
N ALA E 130 -30.54 13.78 9.15
CA ALA E 130 -31.73 14.56 8.76
C ALA E 130 -32.26 15.35 9.95
N ASP E 131 -32.32 14.70 11.11
CA ASP E 131 -32.81 15.34 12.33
C ASP E 131 -31.75 16.28 12.90
N LEU E 132 -30.53 16.15 12.41
CA LEU E 132 -29.48 17.09 12.78
C LEU E 132 -29.65 18.44 12.11
N LYS E 133 -29.93 18.42 10.80
CA LYS E 133 -30.13 19.66 10.06
C LYS E 133 -31.40 20.32 10.54
N GLU E 134 -32.27 19.48 11.11
CA GLU E 134 -33.42 19.95 11.85
C GLU E 134 -33.00 20.27 13.26
N ARG E 135 -33.90 20.85 14.05
CA ARG E 135 -33.54 21.49 15.32
C ARG E 135 -32.42 22.48 14.99
N GLY E 136 -32.47 22.90 13.73
CA GLY E 136 -31.64 23.94 13.18
C GLY E 136 -31.96 25.33 13.68
N LEU E 137 -33.24 25.74 13.70
CA LEU E 137 -34.37 24.91 13.25
C LEU E 137 -34.66 25.16 11.77
N ASN F 3 -27.70 24.39 18.56
CA ASN F 3 -28.37 23.18 18.09
C ASN F 3 -28.32 22.09 19.16
N ASN F 4 -29.49 21.72 19.66
CA ASN F 4 -29.59 20.72 20.73
C ASN F 4 -29.10 19.34 20.31
N ALA F 5 -29.14 19.07 19.01
CA ALA F 5 -28.73 17.78 18.47
C ALA F 5 -27.22 17.66 18.36
N ILE F 6 -26.52 18.79 18.45
CA ILE F 6 -25.06 18.80 18.45
C ILE F 6 -24.56 18.77 19.89
N GLY F 7 -23.96 17.66 20.28
CA GLY F 7 -23.62 17.40 21.68
C GLY F 7 -22.20 17.68 22.07
N SER F 8 -21.69 16.86 22.99
CA SER F 8 -20.37 17.03 23.60
C SER F 8 -19.22 17.15 22.60
N ASN F 9 -18.26 18.01 22.94
CA ASN F 9 -17.02 18.12 22.18
C ASN F 9 -16.10 16.95 22.52
N TRP F 10 -15.43 16.41 21.50
CA TRP F 10 -14.54 15.27 21.68
C TRP F 10 -13.41 15.56 22.67
N LYS F 11 -12.90 16.78 22.65
CA LYS F 11 -11.83 17.18 23.58
C LYS F 11 -12.23 16.95 25.02
N ASP F 12 -13.49 17.20 25.35
CA ASP F 12 -14.00 16.96 26.70
C ASP F 12 -14.27 15.47 26.95
N VAL F 13 -14.91 14.82 25.99
CA VAL F 13 -15.20 13.38 26.09
C VAL F 13 -13.92 12.59 26.29
N ARG F 14 -12.90 12.93 25.52
CA ARG F 14 -11.60 12.26 25.61
C ARG F 14 -10.97 12.41 26.98
N ALA F 15 -10.99 13.63 27.50
CA ALA F 15 -10.38 13.92 28.80
C ALA F 15 -11.07 13.14 29.92
N GLU F 16 -12.38 12.91 29.78
CA GLU F 16 -13.16 12.24 30.81
C GLU F 16 -12.99 10.72 30.79
N LEU F 17 -12.87 10.13 29.60
CA LEU F 17 -12.83 8.68 29.47
C LEU F 17 -11.43 8.07 29.52
N PHE F 18 -10.39 8.91 29.47
CA PHE F 18 -9.02 8.41 29.41
C PHE F 18 -8.12 9.08 30.43
N SER F 19 -7.20 8.30 31.00
CA SER F 19 -6.20 8.82 31.92
C SER F 19 -5.24 9.72 31.15
N LYS F 20 -4.52 10.58 31.88
CA LYS F 20 -3.55 11.46 31.25
C LYS F 20 -2.45 10.69 30.50
N GLU F 21 -2.16 9.49 30.98
CA GLU F 21 -1.13 8.65 30.36
C GLU F 21 -1.63 7.98 29.08
N GLU F 22 -2.88 7.54 29.10
CA GLU F 22 -3.48 6.91 27.93
C GLU F 22 -3.58 7.91 26.79
N ILE F 23 -3.87 9.16 27.14
CA ILE F 23 -3.98 10.22 26.14
C ILE F 23 -2.62 10.52 25.51
N LEU F 24 -1.59 10.53 26.35
CA LEU F 24 -0.25 10.85 25.89
C LEU F 24 0.31 9.80 24.94
N GLU F 25 0.06 8.53 25.27
CA GLU F 25 0.49 7.45 24.39
C GLU F 25 -0.33 7.45 23.11
N SER F 26 -1.59 7.83 23.23
CA SER F 26 -2.47 7.93 22.07
C SER F 26 -1.96 8.98 21.09
N ASP F 27 -1.57 10.15 21.64
CA ASP F 27 -1.06 11.24 20.83
C ASP F 27 0.21 10.84 20.08
N MET F 28 1.05 10.06 20.75
CA MET F 28 2.28 9.59 20.12
C MET F 28 1.97 8.65 18.96
N ARG F 29 1.07 7.70 19.20
CA ARG F 29 0.63 6.78 18.15
C ARG F 29 -0.01 7.57 17.00
N VAL F 30 -0.75 8.61 17.34
CA VAL F 30 -1.36 9.46 16.34
C VAL F 30 -0.30 10.24 15.57
N ALA F 31 0.66 10.80 16.30
CA ALA F 31 1.74 11.58 15.70
C ALA F 31 2.56 10.75 14.70
N ILE F 32 2.80 9.50 15.05
CA ILE F 32 3.53 8.59 14.17
C ILE F 32 2.69 8.20 12.96
N MET F 33 1.43 7.84 13.19
CA MET F 33 0.50 7.56 12.10
C MET F 33 0.43 8.76 11.16
N SER F 34 0.38 9.96 11.74
CA SER F 34 0.28 11.20 10.98
C SER F 34 1.42 11.35 9.98
N GLU F 35 2.65 11.15 10.45
CA GLU F 35 3.83 11.29 9.60
C GLU F 35 3.80 10.33 8.42
N LEU F 36 3.36 9.10 8.66
CA LEU F 36 3.28 8.09 7.61
C LEU F 36 2.15 8.41 6.63
N ILE F 37 1.12 9.08 7.12
CA ILE F 37 -0.01 9.44 6.28
C ILE F 37 0.31 10.61 5.35
N GLU F 38 0.95 11.64 5.88
CA GLU F 38 1.30 12.78 5.04
C GLU F 38 2.55 12.47 4.22
N ALA F 39 3.22 11.36 4.53
CA ALA F 39 4.28 10.86 3.67
C ALA F 39 3.68 10.05 2.52
N ARG F 40 2.69 9.23 2.85
CA ARG F 40 2.13 8.27 1.90
C ARG F 40 1.46 8.98 0.73
N ASN F 41 0.50 9.86 0.97
CA ASN F 41 0.37 10.94 0.00
C ASN F 41 0.19 12.33 0.62
N GLU F 42 1.29 13.07 0.65
CA GLU F 42 1.36 14.48 0.33
C GLU F 42 2.67 14.55 -0.45
N LYS F 43 3.72 14.20 0.29
CA LYS F 43 5.10 14.11 -0.18
C LYS F 43 5.32 12.99 -1.21
N GLY F 44 4.41 12.03 -1.26
CA GLY F 44 4.43 10.99 -2.28
C GLY F 44 5.31 9.79 -1.99
N ILE F 45 5.80 9.69 -0.75
CA ILE F 45 6.65 8.57 -0.34
C ILE F 45 5.82 7.33 -0.03
N SER F 46 6.07 6.24 -0.76
CA SER F 46 5.35 5.00 -0.51
C SER F 46 5.96 4.26 0.68
N GLN F 47 5.37 3.11 1.05
CA GLN F 47 5.91 2.33 2.15
C GLN F 47 7.11 1.50 1.70
N LYS F 48 7.09 1.09 0.44
CA LYS F 48 8.20 0.33 -0.12
C LYS F 48 9.40 1.24 -0.36
N LYS F 49 9.13 2.51 -0.65
CA LYS F 49 10.19 3.49 -0.87
C LYS F 49 10.81 3.91 0.45
N LEU F 50 9.96 4.01 1.47
CA LEU F 50 10.40 4.34 2.81
C LEU F 50 11.21 3.19 3.40
N GLU F 51 10.97 1.99 2.89
CA GLU F 51 11.66 0.80 3.39
C GLU F 51 13.18 0.90 3.29
N GLU F 52 13.70 1.28 2.13
CA GLU F 52 15.15 1.38 2.01
C GLU F 52 15.67 2.83 2.13
N MET F 53 14.80 3.80 2.32
CA MET F 53 15.31 5.08 2.78
C MET F 53 15.75 4.90 4.22
N SER F 54 14.92 4.19 4.98
CA SER F 54 15.17 3.91 6.40
C SER F 54 16.14 2.74 6.66
N GLY F 55 16.13 1.76 5.77
CA GLY F 55 16.87 0.52 6.00
C GLY F 55 16.03 -0.39 6.88
N VAL F 56 14.79 0.04 7.08
CA VAL F 56 13.83 -0.60 7.97
C VAL F 56 12.74 -1.27 7.12
N SER F 57 12.48 -2.55 7.38
CA SER F 57 11.64 -3.36 6.48
C SER F 57 10.19 -2.90 6.44
N GLN F 58 9.46 -3.30 5.40
CA GLN F 58 8.06 -2.95 5.25
C GLN F 58 7.14 -3.51 6.35
N PRO F 59 7.25 -4.80 6.71
CA PRO F 59 6.33 -5.32 7.73
C PRO F 59 6.47 -4.65 9.08
N VAL F 60 7.69 -4.30 9.45
CA VAL F 60 7.91 -3.66 10.75
C VAL F 60 7.44 -2.20 10.74
N ILE F 61 7.43 -1.58 9.56
CA ILE F 61 6.86 -0.23 9.42
C ILE F 61 5.34 -0.31 9.49
N ALA F 62 4.78 -1.36 8.90
CA ALA F 62 3.35 -1.61 8.92
C ALA F 62 2.84 -1.79 10.36
N ARG F 63 3.58 -2.56 11.15
CA ARG F 63 3.25 -2.77 12.55
C ARG F 63 3.48 -1.50 13.37
N MET F 64 4.34 -0.62 12.87
CA MET F 64 4.59 0.63 13.56
C MET F 64 3.41 1.57 13.38
N GLU F 65 2.79 1.52 12.21
CA GLU F 65 1.64 2.38 11.95
C GLU F 65 0.38 1.88 12.67
N THR F 66 0.08 0.59 12.52
CA THR F 66 -1.03 0.04 13.28
C THR F 66 -0.50 -0.34 14.64
N GLY F 67 -1.02 0.31 15.67
CA GLY F 67 -0.33 0.41 16.95
C GLY F 67 -0.35 -0.84 17.79
N LYS F 68 -0.64 -1.97 17.14
CA LYS F 68 -0.77 -3.28 17.77
C LYS F 68 0.30 -3.52 18.82
N THR F 69 1.55 -3.61 18.37
CA THR F 69 2.69 -3.68 19.27
C THR F 69 3.43 -2.35 19.23
N SER F 70 3.78 -1.83 20.41
CA SER F 70 4.57 -0.59 20.47
C SER F 70 5.93 -0.84 19.83
N PRO F 71 6.33 0.03 18.90
CA PRO F 71 7.61 -0.13 18.18
C PRO F 71 8.81 0.21 19.06
N GLN F 72 9.98 -0.32 18.70
CA GLN F 72 11.19 -0.03 19.44
C GLN F 72 11.68 1.39 19.15
N LEU F 73 12.43 1.95 20.10
CA LEU F 73 12.85 3.34 20.03
C LEU F 73 13.75 3.64 18.82
N ASP F 74 14.70 2.75 18.56
CA ASP F 74 15.65 2.94 17.46
C ASP F 74 14.94 2.90 16.11
N THR F 75 13.95 2.02 15.97
CA THR F 75 13.22 1.87 14.72
C THR F 75 12.43 3.14 14.38
N VAL F 76 11.73 3.68 15.38
CA VAL F 76 10.94 4.90 15.20
C VAL F 76 11.82 6.05 14.75
N LEU F 77 13.00 6.17 15.36
CA LEU F 77 13.93 7.24 15.05
C LEU F 77 14.47 7.17 13.63
N LYS F 78 14.65 5.95 13.12
CA LYS F 78 15.11 5.76 11.73
C LYS F 78 14.06 6.24 10.74
N VAL F 79 12.83 5.77 10.93
CA VAL F 79 11.74 6.09 10.02
C VAL F 79 11.44 7.59 10.02
N LEU F 80 11.47 8.17 11.21
CA LEU F 80 11.25 9.62 11.36
C LEU F 80 12.34 10.43 10.65
N ALA F 81 13.57 9.95 10.75
CA ALA F 81 14.71 10.63 10.15
C ALA F 81 14.56 10.74 8.63
N SER F 82 14.08 9.66 8.02
CA SER F 82 13.83 9.65 6.58
C SER F 82 12.78 10.69 6.19
N LEU F 83 11.87 10.98 7.10
CA LEU F 83 10.78 11.91 6.83
C LEU F 83 11.10 13.32 7.33
N GLY F 84 12.29 13.50 7.90
CA GLY F 84 12.74 14.81 8.33
C GLY F 84 12.37 15.16 9.76
N LYS F 85 11.97 14.15 10.52
CA LYS F 85 11.55 14.34 11.91
C LYS F 85 12.38 13.50 12.87
N THR F 86 12.30 13.81 14.16
CA THR F 86 12.91 12.98 15.19
C THR F 86 12.20 13.17 16.52
N LEU F 87 12.72 12.54 17.57
CA LEU F 87 12.14 12.64 18.90
C LEU F 87 13.04 13.44 19.84
N ALA F 88 12.43 14.15 20.79
CA ALA F 88 13.16 14.94 21.76
C ALA F 88 12.56 14.83 23.14
N VAL F 89 13.40 14.89 24.17
CA VAL F 89 12.92 14.89 25.54
C VAL F 89 12.48 16.30 25.95
N VAL F 90 11.21 16.42 26.31
CA VAL F 90 10.64 17.70 26.72
C VAL F 90 9.83 17.54 28.01
N PRO F 91 9.65 18.63 28.76
CA PRO F 91 8.73 18.56 29.90
C PRO F 91 7.30 18.30 29.44
N LEU F 92 6.54 17.66 30.33
CA LEU F 92 5.16 17.24 30.09
C LEU F 92 4.17 18.32 29.74
N GLU F 93 4.18 19.39 30.53
CA GLU F 93 3.36 20.60 30.39
C GLU F 93 2.42 20.66 29.19
N MET G 21 1.00 -27.15 -18.17
CA MET G 21 1.06 -28.16 -17.13
C MET G 21 0.90 -29.56 -17.71
N HIS G 22 -0.15 -29.77 -18.51
CA HIS G 22 -0.35 -31.04 -19.21
C HIS G 22 0.02 -30.91 -20.68
N ASN G 23 0.91 -31.76 -21.16
CA ASN G 23 1.28 -31.78 -22.56
C ASN G 23 0.25 -32.50 -23.42
N ILE G 24 0.12 -32.07 -24.67
CA ILE G 24 -0.81 -32.72 -25.59
C ILE G 24 -0.07 -33.14 -26.85
N TYR G 25 -0.19 -34.42 -27.19
CA TYR G 25 0.38 -34.95 -28.41
C TYR G 25 -0.71 -35.41 -29.35
N PHE G 26 -0.43 -35.41 -30.64
CA PHE G 26 -1.38 -35.87 -31.64
C PHE G 26 -1.09 -37.30 -32.04
N TYR G 27 -2.13 -38.12 -32.12
CA TYR G 27 -1.97 -39.50 -32.57
C TYR G 27 -1.49 -39.56 -34.02
N LYS G 28 -0.46 -40.35 -34.27
CA LYS G 28 0.01 -40.60 -35.62
C LYS G 28 -0.17 -42.07 -35.96
N ASP G 29 -0.96 -42.37 -36.98
CA ASP G 29 -1.26 -43.75 -37.34
C ASP G 29 -0.09 -44.39 -38.11
N LYS G 30 -0.32 -45.61 -38.60
CA LYS G 30 0.71 -46.39 -39.30
C LYS G 30 1.25 -45.63 -40.52
N ASN G 31 0.32 -44.99 -41.25
CA ASN G 31 0.64 -44.21 -42.47
C ASN G 31 1.41 -42.92 -42.23
N GLY G 32 1.63 -42.55 -40.97
CA GLY G 32 2.38 -41.36 -40.66
C GLY G 32 1.52 -40.10 -40.64
N ASN G 33 0.21 -40.28 -40.63
CA ASN G 33 -0.72 -39.16 -40.60
C ASN G 33 -1.31 -38.93 -39.21
N GLU G 34 -1.50 -37.66 -38.86
CA GLU G 34 -2.16 -37.31 -37.62
C GLU G 34 -3.54 -36.73 -37.92
N PRO G 35 -4.59 -37.53 -37.65
CA PRO G 35 -5.97 -37.22 -38.07
C PRO G 35 -6.50 -35.87 -37.60
N VAL G 36 -6.31 -35.55 -36.32
CA VAL G 36 -6.80 -34.29 -35.77
C VAL G 36 -6.07 -33.10 -36.38
N PHE G 37 -4.76 -33.23 -36.53
CA PHE G 37 -3.93 -32.16 -37.12
C PHE G 37 -4.31 -31.98 -38.59
N ASP G 38 -4.48 -33.09 -39.31
CA ASP G 38 -4.92 -33.05 -40.70
C ASP G 38 -6.24 -32.27 -40.83
N TYR G 39 -7.16 -32.52 -39.91
CA TYR G 39 -8.47 -31.84 -39.94
C TYR G 39 -8.35 -30.35 -39.68
N MET G 40 -7.52 -29.98 -38.72
CA MET G 40 -7.33 -28.57 -38.41
C MET G 40 -6.62 -27.85 -39.55
N ARG G 41 -5.74 -28.56 -40.26
CA ARG G 41 -4.96 -27.94 -41.31
C ARG G 41 -5.85 -27.62 -42.52
N GLU G 42 -6.82 -28.49 -42.80
CA GLU G 42 -7.70 -28.22 -43.92
C GLU G 42 -8.67 -27.11 -43.56
N LEU G 43 -9.04 -27.02 -42.28
CA LEU G 43 -9.82 -25.89 -41.80
C LEU G 43 -9.05 -24.59 -42.01
N THR G 44 -7.75 -24.64 -41.76
CA THR G 44 -6.87 -23.50 -41.96
C THR G 44 -6.82 -23.10 -43.43
N SER G 45 -7.04 -24.07 -44.33
CA SER G 45 -6.93 -23.81 -45.75
C SER G 45 -8.19 -23.18 -46.35
N LYS G 46 -9.32 -23.31 -45.66
CA LYS G 46 -10.61 -22.88 -46.21
C LYS G 46 -10.85 -21.37 -46.12
N LYS G 47 -11.61 -20.85 -47.08
CA LYS G 47 -11.93 -19.43 -47.14
C LYS G 47 -13.04 -19.03 -46.17
N GLY G 48 -13.93 -19.98 -45.87
CA GLY G 48 -15.07 -19.72 -45.01
C GLY G 48 -14.66 -19.26 -43.62
N LYS G 49 -15.35 -18.23 -43.12
CA LYS G 49 -14.98 -17.65 -41.83
C LYS G 49 -15.57 -18.42 -40.65
N ASP G 50 -16.47 -19.35 -40.91
CA ASP G 50 -16.92 -20.25 -39.86
C ASP G 50 -15.88 -21.35 -39.64
N SER G 51 -15.06 -21.60 -40.64
CA SER G 51 -13.90 -22.48 -40.49
C SER G 51 -12.96 -21.87 -39.46
N ARG G 52 -12.85 -20.55 -39.50
CA ARG G 52 -12.05 -19.81 -38.54
C ARG G 52 -12.66 -19.89 -37.13
N ILE G 53 -13.98 -19.82 -37.06
CA ILE G 53 -14.67 -19.90 -35.78
C ILE G 53 -14.44 -21.26 -35.12
N LYS G 54 -14.66 -22.33 -35.90
CA LYS G 54 -14.45 -23.68 -35.39
C LYS G 54 -13.00 -23.87 -34.96
N LEU G 55 -12.08 -23.34 -35.74
CA LEU G 55 -10.66 -23.41 -35.41
C LEU G 55 -10.34 -22.73 -34.08
N ASN G 56 -10.92 -21.55 -33.87
CA ASN G 56 -10.66 -20.80 -32.64
C ASN G 56 -11.23 -21.49 -31.42
N LYS G 57 -12.38 -22.12 -31.57
CA LYS G 57 -13.00 -22.86 -30.46
C LYS G 57 -12.18 -24.08 -30.11
N ILE G 58 -11.65 -24.73 -31.13
CA ILE G 58 -10.77 -25.89 -30.94
C ILE G 58 -9.49 -25.45 -30.25
N ASN G 59 -9.00 -24.28 -30.63
CA ASN G 59 -7.81 -23.70 -30.04
C ASN G 59 -8.00 -23.53 -28.53
N ASP G 60 -9.13 -22.94 -28.16
CA ASP G 60 -9.44 -22.65 -26.76
C ASP G 60 -9.58 -23.92 -25.93
N TYR G 61 -10.33 -24.89 -26.44
CA TYR G 61 -10.62 -26.12 -25.72
C TYR G 61 -9.37 -27.00 -25.49
N ILE G 62 -8.56 -27.17 -26.52
CA ILE G 62 -7.32 -27.94 -26.37
C ILE G 62 -6.41 -27.28 -25.35
N GLU G 63 -6.25 -25.97 -25.48
CA GLU G 63 -5.46 -25.18 -24.55
C GLU G 63 -6.00 -25.32 -23.13
N LEU G 64 -7.32 -25.39 -23.01
CA LEU G 64 -7.98 -25.56 -21.71
C LEU G 64 -7.67 -26.92 -21.12
N LEU G 65 -7.68 -27.95 -21.97
CA LEU G 65 -7.30 -29.29 -21.56
C LEU G 65 -5.85 -29.32 -21.07
N SER G 66 -5.00 -28.52 -21.70
CA SER G 66 -3.59 -28.45 -21.33
C SER G 66 -3.41 -27.92 -19.91
N GLN G 67 -4.18 -26.90 -19.54
CA GLN G 67 -4.04 -26.31 -18.21
C GLN G 67 -4.74 -27.09 -17.09
N HIS G 68 -6.00 -27.46 -17.30
CA HIS G 68 -6.77 -28.09 -16.22
C HIS G 68 -6.85 -29.60 -16.27
N GLY G 69 -6.32 -30.22 -17.32
CA GLY G 69 -6.46 -31.65 -17.50
C GLY G 69 -7.92 -32.04 -17.56
N THR G 70 -8.25 -33.20 -17.02
CA THR G 70 -9.62 -33.69 -17.04
C THR G 70 -10.51 -32.97 -16.02
N ARG G 71 -9.88 -32.16 -15.17
CA ARG G 71 -10.60 -31.41 -14.14
C ARG G 71 -11.41 -30.26 -14.74
N ALA G 72 -11.24 -30.01 -16.03
CA ALA G 72 -11.90 -28.91 -16.72
C ALA G 72 -13.43 -29.01 -16.63
N GLY G 73 -13.92 -30.25 -16.65
CA GLY G 73 -15.35 -30.49 -16.52
C GLY G 73 -16.15 -30.10 -17.74
N GLU G 74 -17.43 -30.49 -17.75
CA GLU G 74 -18.34 -30.13 -18.84
C GLU G 74 -18.64 -28.64 -18.81
N PRO G 75 -19.06 -28.06 -19.95
CA PRO G 75 -19.32 -28.60 -21.29
C PRO G 75 -18.06 -28.98 -22.07
N TYR G 76 -16.91 -28.48 -21.66
CA TYR G 76 -15.67 -28.60 -22.43
C TYR G 76 -15.30 -30.05 -22.72
N ILE G 77 -15.17 -30.86 -21.68
CA ILE G 77 -14.81 -32.26 -21.87
C ILE G 77 -15.89 -33.18 -21.28
N LYS G 78 -15.90 -34.42 -21.73
CA LYS G 78 -16.83 -35.41 -21.20
C LYS G 78 -16.21 -36.80 -21.22
N HIS G 79 -16.42 -37.57 -20.16
CA HIS G 79 -15.97 -38.95 -20.14
C HIS G 79 -16.94 -39.80 -20.95
N LEU G 80 -16.40 -40.64 -21.82
CA LEU G 80 -17.25 -41.44 -22.71
C LEU G 80 -17.33 -42.88 -22.22
N ASP G 81 -16.26 -43.63 -22.46
CA ASP G 81 -16.18 -45.01 -21.99
C ASP G 81 -14.76 -45.35 -21.57
N ALA G 82 -14.62 -45.89 -20.36
CA ALA G 82 -13.32 -46.33 -19.86
C ALA G 82 -12.26 -45.23 -19.94
N GLU G 83 -11.23 -45.48 -20.74
CA GLU G 83 -10.06 -44.60 -20.85
C GLU G 83 -10.30 -43.45 -21.82
N ILE G 84 -11.42 -43.50 -22.53
CA ILE G 84 -11.72 -42.53 -23.57
C ILE G 84 -12.48 -41.31 -23.06
N TRP G 85 -12.01 -40.13 -23.45
CA TRP G 85 -12.71 -38.87 -23.20
C TRP G 85 -12.97 -38.18 -24.53
N GLU G 86 -13.86 -37.20 -24.53
CA GLU G 86 -14.06 -36.37 -25.72
C GLU G 86 -13.98 -34.89 -25.39
N LEU G 87 -13.41 -34.13 -26.31
CA LEU G 87 -13.40 -32.68 -26.26
C LEU G 87 -14.57 -32.19 -27.10
N ARG G 88 -15.27 -31.15 -26.65
CA ARG G 88 -16.51 -30.75 -27.33
C ARG G 88 -16.58 -29.28 -27.79
N PRO G 89 -15.71 -28.87 -28.73
CA PRO G 89 -15.70 -27.53 -29.32
C PRO G 89 -16.83 -27.33 -30.34
N LEU G 90 -17.97 -26.82 -29.92
CA LEU G 90 -19.16 -26.82 -30.73
C LEU G 90 -19.61 -28.20 -31.11
N ARG G 91 -19.82 -28.41 -32.40
CA ARG G 91 -20.27 -29.72 -32.87
C ARG G 91 -19.12 -30.63 -33.27
N ASP G 92 -17.90 -30.12 -33.19
CA ASP G 92 -16.71 -30.94 -33.36
C ASP G 92 -16.48 -31.77 -32.11
N ARG G 93 -16.05 -33.02 -32.29
CA ARG G 93 -15.69 -33.88 -31.17
C ARG G 93 -14.30 -34.48 -31.37
N ILE G 94 -13.44 -34.31 -30.37
CA ILE G 94 -12.09 -34.84 -30.43
C ILE G 94 -11.87 -35.84 -29.30
N LEU G 95 -11.72 -37.12 -29.67
CA LEU G 95 -11.53 -38.17 -28.69
C LEU G 95 -10.08 -38.22 -28.24
N PHE G 96 -9.87 -38.26 -26.93
CA PHE G 96 -8.50 -38.30 -26.40
C PHE G 96 -8.38 -39.23 -25.21
N VAL G 97 -7.14 -39.54 -24.82
CA VAL G 97 -6.87 -40.41 -23.69
C VAL G 97 -5.83 -39.81 -22.76
N ALA G 98 -5.83 -40.25 -21.50
CA ALA G 98 -4.70 -39.98 -20.63
C ALA G 98 -3.52 -40.80 -21.14
N TRP G 99 -2.32 -40.31 -20.86
CA TRP G 99 -1.07 -40.82 -21.43
C TRP G 99 0.08 -40.33 -20.55
N MET G 100 1.13 -41.09 -20.38
CA MET G 100 2.44 -40.54 -20.12
C MET G 100 2.53 -39.41 -19.07
N ASP G 101 2.01 -39.64 -17.88
CA ASP G 101 1.65 -38.61 -16.90
C ASP G 101 2.69 -37.49 -16.88
N GLY G 102 2.20 -36.25 -16.95
CA GLY G 102 0.76 -35.98 -16.91
C GLY G 102 0.02 -35.67 -18.21
N SER G 103 0.51 -36.14 -19.35
CA SER G 103 0.00 -35.68 -20.65
C SER G 103 -1.29 -36.33 -21.15
N PHE G 104 -1.71 -35.91 -22.36
CA PHE G 104 -2.86 -36.46 -23.06
C PHE G 104 -2.54 -36.67 -24.54
N VAL G 105 -3.34 -37.50 -25.21
CA VAL G 105 -3.18 -37.72 -26.64
C VAL G 105 -4.50 -37.63 -27.41
N LEU G 106 -4.54 -36.73 -28.38
CA LEU G 106 -5.73 -36.57 -29.21
C LEU G 106 -5.77 -37.64 -30.28
N LEU G 107 -6.84 -38.43 -30.29
CA LEU G 107 -6.92 -39.60 -31.16
C LEU G 107 -7.51 -39.27 -32.53
N HIS G 108 -8.80 -38.93 -32.60
CA HIS G 108 -9.36 -38.51 -33.88
C HIS G 108 -10.57 -37.61 -33.76
N HIS G 109 -11.08 -37.20 -34.92
CA HIS G 109 -12.14 -36.21 -35.02
C HIS G 109 -13.41 -36.76 -35.63
N PHE G 110 -14.55 -36.27 -35.18
CA PHE G 110 -15.81 -36.41 -35.91
C PHE G 110 -16.77 -35.29 -35.57
N MET G 111 -17.57 -34.89 -36.55
CA MET G 111 -18.66 -33.95 -36.29
C MET G 111 -19.88 -34.74 -35.86
N LYS G 112 -20.54 -34.25 -34.82
CA LYS G 112 -21.65 -34.98 -34.23
C LYS G 112 -22.97 -34.55 -34.84
N ARG G 113 -23.60 -35.46 -35.60
CA ARG G 113 -24.84 -35.18 -36.31
C ARG G 113 -26.05 -35.68 -35.53
N THR G 114 -25.79 -36.27 -34.38
CA THR G 114 -26.82 -36.84 -33.53
C THR G 114 -26.64 -36.29 -32.13
N GLN G 115 -27.46 -36.70 -31.17
CA GLN G 115 -27.16 -36.31 -29.81
C GLN G 115 -26.46 -37.47 -29.09
N LYS G 116 -26.35 -38.60 -29.80
CA LYS G 116 -25.64 -39.76 -29.30
C LYS G 116 -24.20 -39.79 -29.84
N THR G 117 -23.25 -40.13 -29.00
CA THR G 117 -21.90 -40.42 -29.48
C THR G 117 -21.84 -41.89 -29.84
N PRO G 118 -21.76 -42.18 -31.14
CA PRO G 118 -21.75 -43.56 -31.65
C PRO G 118 -20.59 -44.33 -31.05
N LYS G 119 -20.78 -45.62 -30.77
CA LYS G 119 -19.67 -46.41 -30.26
C LYS G 119 -18.80 -46.83 -31.44
N ARG G 120 -19.29 -46.54 -32.65
CA ARG G 120 -18.47 -46.63 -33.85
C ARG G 120 -17.22 -45.77 -33.66
N GLU G 121 -17.43 -44.52 -33.24
CA GLU G 121 -16.36 -43.58 -32.93
C GLU G 121 -15.52 -44.07 -31.76
N ILE G 122 -16.20 -44.54 -30.73
CA ILE G 122 -15.56 -44.89 -29.47
C ILE G 122 -14.64 -46.10 -29.65
N GLU G 123 -15.10 -47.08 -30.42
CA GLU G 123 -14.29 -48.27 -30.66
C GLU G 123 -13.14 -47.98 -31.61
N GLN G 124 -13.31 -46.97 -32.46
CA GLN G 124 -12.21 -46.51 -33.29
C GLN G 124 -11.13 -45.91 -32.41
N ALA G 125 -11.56 -45.14 -31.42
CA ALA G 125 -10.64 -44.55 -30.45
C ALA G 125 -9.98 -45.63 -29.62
N LYS G 126 -10.75 -46.66 -29.25
CA LYS G 126 -10.22 -47.79 -28.51
C LYS G 126 -9.17 -48.53 -29.34
N ARG G 127 -9.46 -48.69 -30.63
CA ARG G 127 -8.53 -49.36 -31.52
C ARG G 127 -7.31 -48.49 -31.80
N GLU G 128 -7.53 -47.18 -31.94
CA GLU G 128 -6.43 -46.24 -32.05
C GLU G 128 -5.56 -46.34 -30.79
N LEU G 129 -6.18 -46.16 -29.63
CA LEU G 129 -5.51 -46.30 -28.33
C LEU G 129 -4.76 -47.62 -28.21
N ALA G 130 -5.37 -48.69 -28.72
CA ALA G 130 -4.72 -49.99 -28.76
C ALA G 130 -3.40 -49.89 -29.52
N ASP G 131 -3.45 -49.31 -30.71
CA ASP G 131 -2.28 -49.12 -31.56
C ASP G 131 -1.16 -48.35 -30.84
N LEU G 132 -1.54 -47.43 -29.96
CA LEU G 132 -0.55 -46.64 -29.22
C LEU G 132 0.29 -47.48 -28.26
N LYS G 133 -0.39 -48.30 -27.45
CA LYS G 133 0.30 -49.17 -26.50
C LYS G 133 1.18 -50.19 -27.22
N GLU G 134 0.70 -50.69 -28.35
CA GLU G 134 1.41 -51.70 -29.14
C GLU G 134 2.79 -51.22 -29.56
N ARG G 135 2.85 -50.02 -30.11
CA ARG G 135 4.08 -49.48 -30.67
C ARG G 135 4.90 -48.70 -29.63
N LYS H 2 11.45 -43.91 -29.79
CA LYS H 2 10.62 -44.19 -28.62
C LYS H 2 9.25 -44.69 -29.06
N ASN H 3 8.38 -43.79 -29.49
CA ASN H 3 7.06 -44.18 -29.99
C ASN H 3 6.65 -43.40 -31.24
N ASN H 4 6.44 -44.10 -32.34
CA ASN H 4 6.04 -43.48 -33.59
C ASN H 4 4.57 -43.07 -33.57
N ALA H 5 3.79 -43.72 -32.71
CA ALA H 5 2.37 -43.43 -32.59
C ALA H 5 2.14 -42.08 -31.91
N ILE H 6 3.14 -41.61 -31.16
CA ILE H 6 3.02 -40.33 -30.48
C ILE H 6 3.64 -39.24 -31.32
N GLY H 7 2.79 -38.35 -31.83
CA GLY H 7 3.20 -37.39 -32.83
C GLY H 7 3.50 -36.01 -32.30
N SER H 8 3.18 -35.01 -33.11
CA SER H 8 3.51 -33.61 -32.84
C SER H 8 2.98 -33.10 -31.50
N ASN H 9 3.79 -32.27 -30.85
CA ASN H 9 3.38 -31.56 -29.65
C ASN H 9 2.42 -30.44 -30.03
N TRP H 10 1.43 -30.20 -29.18
CA TRP H 10 0.41 -29.18 -29.44
C TRP H 10 0.99 -27.77 -29.51
N LYS H 11 2.01 -27.49 -28.69
CA LYS H 11 2.68 -26.20 -28.72
C LYS H 11 3.20 -25.86 -30.12
N ASP H 12 3.74 -26.86 -30.81
CA ASP H 12 4.23 -26.67 -32.17
C ASP H 12 3.08 -26.52 -33.16
N VAL H 13 2.11 -27.43 -33.07
CA VAL H 13 0.95 -27.40 -33.93
C VAL H 13 0.21 -26.07 -33.83
N ARG H 14 0.04 -25.58 -32.59
CA ARG H 14 -0.64 -24.32 -32.33
C ARG H 14 0.09 -23.13 -32.96
N ALA H 15 1.41 -23.13 -32.84
CA ALA H 15 2.23 -22.04 -33.37
C ALA H 15 2.16 -21.98 -34.89
N GLU H 16 1.99 -23.13 -35.53
CA GLU H 16 1.96 -23.21 -37.00
C GLU H 16 0.62 -22.81 -37.59
N LEU H 17 -0.47 -23.20 -36.94
CA LEU H 17 -1.81 -22.99 -37.49
C LEU H 17 -2.43 -21.64 -37.13
N PHE H 18 -1.85 -20.95 -36.16
CA PHE H 18 -2.45 -19.71 -35.68
C PHE H 18 -1.46 -18.55 -35.67
N SER H 19 -1.95 -17.35 -35.97
CA SER H 19 -1.13 -16.16 -35.92
C SER H 19 -0.84 -15.78 -34.48
N LYS H 20 0.20 -14.98 -34.26
CA LYS H 20 0.55 -14.49 -32.92
C LYS H 20 -0.64 -13.80 -32.27
N GLU H 21 -1.40 -13.06 -33.09
CA GLU H 21 -2.61 -12.37 -32.66
C GLU H 21 -3.70 -13.32 -32.17
N GLU H 22 -3.96 -14.37 -32.94
CA GLU H 22 -5.01 -15.34 -32.62
C GLU H 22 -4.69 -16.08 -31.33
N ILE H 23 -3.41 -16.34 -31.12
CA ILE H 23 -2.96 -17.08 -29.94
C ILE H 23 -3.13 -16.23 -28.68
N LEU H 24 -2.76 -14.96 -28.75
CA LEU H 24 -2.88 -14.07 -27.60
C LEU H 24 -4.34 -13.92 -27.18
N GLU H 25 -5.22 -13.72 -28.16
CA GLU H 25 -6.65 -13.59 -27.86
C GLU H 25 -7.22 -14.90 -27.36
N SER H 26 -6.66 -16.01 -27.85
CA SER H 26 -7.07 -17.32 -27.37
C SER H 26 -6.63 -17.51 -25.92
N ASP H 27 -5.41 -17.05 -25.61
CA ASP H 27 -4.87 -17.17 -24.25
C ASP H 27 -5.69 -16.35 -23.25
N MET H 28 -6.24 -15.24 -23.71
CA MET H 28 -7.06 -14.41 -22.84
C MET H 28 -8.40 -15.08 -22.56
N ARG H 29 -8.99 -15.69 -23.60
CA ARG H 29 -10.27 -16.38 -23.44
C ARG H 29 -10.15 -17.57 -22.50
N VAL H 30 -9.05 -18.31 -22.59
CA VAL H 30 -8.87 -19.46 -21.71
C VAL H 30 -8.55 -19.01 -20.29
N ALA H 31 -7.88 -17.86 -20.16
CA ALA H 31 -7.53 -17.32 -18.84
C ALA H 31 -8.78 -16.92 -18.09
N ILE H 32 -9.73 -16.36 -18.81
CA ILE H 32 -11.02 -15.98 -18.26
C ILE H 32 -11.87 -17.22 -17.95
N MET H 33 -11.90 -18.14 -18.91
CA MET H 33 -12.60 -19.41 -18.70
C MET H 33 -12.03 -20.14 -17.49
N SER H 34 -10.70 -20.09 -17.34
CA SER H 34 -10.02 -20.75 -16.23
C SER H 34 -10.48 -20.22 -14.88
N GLU H 35 -10.51 -18.90 -14.75
CA GLU H 35 -10.92 -18.26 -13.50
C GLU H 35 -12.32 -18.68 -13.10
N LEU H 36 -13.23 -18.73 -14.09
CA LEU H 36 -14.60 -19.13 -13.84
C LEU H 36 -14.69 -20.61 -13.45
N ILE H 37 -13.79 -21.41 -14.02
CA ILE H 37 -13.74 -22.84 -13.72
C ILE H 37 -13.09 -23.10 -12.36
N GLU H 38 -11.95 -22.46 -12.11
CA GLU H 38 -11.24 -22.62 -10.85
C GLU H 38 -12.00 -21.99 -9.69
N ALA H 39 -13.03 -21.21 -10.00
CA ALA H 39 -13.96 -20.72 -9.00
C ALA H 39 -15.03 -21.76 -8.68
N ARG H 40 -15.45 -22.52 -9.70
CA ARG H 40 -16.61 -23.40 -9.58
C ARG H 40 -16.40 -24.72 -8.83
N ASN H 41 -15.36 -25.45 -9.22
CA ASN H 41 -15.11 -26.77 -8.62
C ASN H 41 -14.16 -26.68 -7.41
N GLU H 42 -13.56 -25.51 -7.21
CA GLU H 42 -12.62 -25.31 -6.11
C GLU H 42 -13.22 -24.47 -4.99
N LYS H 43 -13.51 -23.21 -5.33
CA LYS H 43 -13.93 -22.20 -4.37
C LYS H 43 -15.42 -22.31 -4.05
N GLY H 44 -16.11 -23.18 -4.77
CA GLY H 44 -17.53 -23.39 -4.56
C GLY H 44 -18.39 -22.18 -4.90
N ILE H 45 -17.87 -21.31 -5.75
CA ILE H 45 -18.62 -20.14 -6.18
C ILE H 45 -19.37 -20.46 -7.47
N SER H 46 -20.69 -20.54 -7.36
CA SER H 46 -21.54 -20.82 -8.51
C SER H 46 -21.72 -19.56 -9.36
N GLN H 47 -22.44 -19.70 -10.47
CA GLN H 47 -22.69 -18.57 -11.34
C GLN H 47 -23.78 -17.69 -10.71
N LYS H 48 -24.72 -18.31 -10.00
CA LYS H 48 -25.70 -17.56 -9.22
C LYS H 48 -24.99 -16.68 -8.18
N LYS H 49 -23.92 -17.21 -7.61
CA LYS H 49 -23.23 -16.61 -6.50
C LYS H 49 -22.34 -15.46 -6.95
N LEU H 50 -21.70 -15.68 -8.09
CA LEU H 50 -20.84 -14.67 -8.71
C LEU H 50 -21.66 -13.50 -9.24
N GLU H 51 -22.90 -13.78 -9.62
CA GLU H 51 -23.80 -12.75 -10.13
C GLU H 51 -24.00 -11.63 -9.12
N GLU H 52 -24.33 -12.00 -7.88
CA GLU H 52 -24.60 -11.00 -6.85
C GLU H 52 -23.32 -10.45 -6.21
N MET H 53 -22.22 -11.19 -6.31
CA MET H 53 -20.93 -10.69 -5.84
C MET H 53 -20.45 -9.56 -6.73
N SER H 54 -20.53 -9.76 -8.03
CA SER H 54 -19.99 -8.80 -9.01
C SER H 54 -20.99 -7.76 -9.50
N GLY H 55 -22.28 -7.96 -9.21
CA GLY H 55 -23.31 -7.09 -9.74
C GLY H 55 -23.60 -7.32 -11.21
N VAL H 56 -22.80 -8.18 -11.84
CA VAL H 56 -23.00 -8.55 -13.24
C VAL H 56 -24.00 -9.70 -13.33
N SER H 57 -24.91 -9.63 -14.30
CA SER H 57 -25.99 -10.61 -14.37
C SER H 57 -25.51 -11.97 -14.86
N GLN H 58 -26.41 -12.96 -14.81
CA GLN H 58 -26.08 -14.32 -15.20
C GLN H 58 -25.93 -14.55 -16.72
N PRO H 59 -26.83 -13.99 -17.55
CA PRO H 59 -26.58 -14.19 -18.98
C PRO H 59 -25.29 -13.55 -19.47
N VAL H 60 -24.92 -12.41 -18.87
CA VAL H 60 -23.72 -11.69 -19.27
C VAL H 60 -22.45 -12.47 -18.89
N ILE H 61 -22.44 -13.04 -17.69
CA ILE H 61 -21.28 -13.84 -17.27
C ILE H 61 -21.22 -15.15 -18.05
N ALA H 62 -22.38 -15.67 -18.44
CA ALA H 62 -22.45 -16.90 -19.23
C ALA H 62 -21.77 -16.72 -20.58
N ARG H 63 -22.12 -15.64 -21.28
CA ARG H 63 -21.51 -15.33 -22.57
C ARG H 63 -20.05 -14.93 -22.42
N MET H 64 -19.69 -14.43 -21.25
CA MET H 64 -18.31 -14.06 -21.00
C MET H 64 -17.44 -15.32 -20.94
N GLU H 65 -18.04 -16.42 -20.50
CA GLU H 65 -17.35 -17.70 -20.46
C GLU H 65 -17.28 -18.34 -21.85
N THR H 66 -18.39 -18.33 -22.57
CA THR H 66 -18.41 -18.87 -23.92
C THR H 66 -18.11 -17.74 -24.89
N GLY H 67 -16.93 -17.79 -25.48
CA GLY H 67 -16.29 -16.61 -26.05
C GLY H 67 -16.84 -16.07 -27.35
N LYS H 68 -18.03 -16.51 -27.71
CA LYS H 68 -18.68 -16.12 -28.96
C LYS H 68 -18.64 -14.62 -29.27
N THR H 69 -19.04 -13.80 -28.31
CA THR H 69 -18.85 -12.36 -28.43
C THR H 69 -17.95 -11.87 -27.30
N SER H 70 -16.97 -11.05 -27.63
CA SER H 70 -16.00 -10.57 -26.65
C SER H 70 -16.67 -9.62 -25.65
N PRO H 71 -16.34 -9.76 -24.38
CA PRO H 71 -16.90 -8.93 -23.33
C PRO H 71 -16.39 -7.50 -23.27
N GLN H 72 -17.18 -6.63 -22.66
CA GLN H 72 -16.74 -5.30 -22.40
C GLN H 72 -15.75 -5.32 -21.26
N LEU H 73 -14.83 -4.40 -21.29
CA LEU H 73 -13.75 -4.38 -20.36
C LEU H 73 -14.23 -4.22 -18.94
N ASP H 74 -15.29 -3.48 -18.75
CA ASP H 74 -15.80 -3.14 -17.45
C ASP H 74 -16.37 -4.32 -16.74
N THR H 75 -17.07 -5.16 -17.49
CA THR H 75 -17.66 -6.36 -16.95
C THR H 75 -16.59 -7.38 -16.56
N VAL H 76 -15.56 -7.51 -17.40
CA VAL H 76 -14.45 -8.42 -17.14
C VAL H 76 -13.74 -8.04 -15.83
N LEU H 77 -13.45 -6.75 -15.69
CA LEU H 77 -12.79 -6.25 -14.48
C LEU H 77 -13.64 -6.46 -13.23
N LYS H 78 -14.96 -6.36 -13.38
CA LYS H 78 -15.89 -6.60 -12.28
C LYS H 78 -15.88 -8.06 -11.84
N VAL H 79 -16.04 -8.96 -12.81
CA VAL H 79 -16.07 -10.39 -12.54
C VAL H 79 -14.75 -10.85 -11.93
N LEU H 80 -13.63 -10.38 -12.49
CA LEU H 80 -12.31 -10.74 -12.00
C LEU H 80 -12.08 -10.25 -10.57
N ALA H 81 -12.58 -9.05 -10.27
CA ALA H 81 -12.39 -8.44 -8.96
C ALA H 81 -12.99 -9.29 -7.84
N SER H 82 -14.16 -9.87 -8.12
CA SER H 82 -14.81 -10.76 -7.18
C SER H 82 -13.98 -12.00 -6.91
N LEU H 83 -13.17 -12.39 -7.90
CA LEU H 83 -12.37 -13.59 -7.82
C LEU H 83 -10.95 -13.32 -7.35
N GLY H 84 -10.64 -12.05 -7.11
CA GLY H 84 -9.34 -11.67 -6.60
C GLY H 84 -8.31 -11.38 -7.67
N LYS H 85 -8.75 -11.28 -8.92
CA LYS H 85 -7.84 -10.92 -10.01
C LYS H 85 -8.29 -9.64 -10.71
N THR H 86 -7.49 -9.18 -11.67
CA THR H 86 -7.80 -8.02 -12.49
C THR H 86 -6.76 -7.98 -13.63
N LEU H 87 -6.91 -7.06 -14.58
CA LEU H 87 -6.01 -6.96 -15.71
C LEU H 87 -4.97 -5.85 -15.53
N ALA H 88 -3.78 -6.07 -16.07
CA ALA H 88 -2.73 -5.05 -16.07
C ALA H 88 -2.15 -4.90 -17.47
N VAL H 89 -1.64 -3.72 -17.78
CA VAL H 89 -0.98 -3.51 -19.06
C VAL H 89 0.49 -3.91 -18.95
N VAL H 90 0.87 -4.93 -19.71
CA VAL H 90 2.23 -5.47 -19.65
C VAL H 90 2.85 -5.51 -21.04
N PRO H 91 4.19 -5.50 -21.11
CA PRO H 91 4.85 -5.58 -22.43
C PRO H 91 4.58 -6.91 -23.14
N LEU H 92 4.46 -6.85 -24.45
CA LEU H 92 4.36 -8.04 -25.28
C LEU H 92 5.68 -8.79 -25.27
N GLU H 93 5.64 -10.12 -25.40
CA GLU H 93 6.87 -10.90 -25.48
C GLU H 93 6.65 -12.21 -26.23
#